data_3S8A
#
_entry.id   3S8A
#
_cell.length_a   108.443
_cell.length_b   117.716
_cell.length_c   64.781
_cell.angle_alpha   90.00
_cell.angle_beta   90.00
_cell.angle_gamma   90.00
#
_symmetry.space_group_name_H-M   'P 21 21 2'
#
loop_
_entity.id
_entity.type
_entity.pdbx_description
1 polymer 'Ribonucleoside-diphosphate reductase large chain 1'
2 non-polymer 'MAGNESIUM ION'
3 non-polymer "2'-DEOXYGUANOSINE-5'-TRIPHOSPHATE"
4 water water
#
_entity_poly.entity_id   1
_entity_poly.type   'polypeptide(L)'
_entity_poly.pdbx_seq_one_letter_code
;MYVYKRDGRKEPVQFDKITARISRLCYGLDPKHIDAVKVTQRIISGVYEGVTTIELDNLAAETCAYMTTVHPDYATLAAR
IAISNLHKQTTKQFSKVVEDLYRYVNAATGKPAPMISDDVYNIVMENKDKLNSAIVYDRDFQYSYFGFKTLERSYLLRIN
GQVAERPQHLIMRVALGIHGRDIEAALETYNLMSLKYFTHASPTLFNAGTPKPQMSSCFLVAMKEDSIEGIYDTLKECAL
ISKTAGGIGLHIHNIRSTGSYIAGTNGTSNGLIPMIRVFNNTARYVDQGGNKAPGAFALYLEPWHADIFDFIDIRKNHGK
EEIRARDLFPALWIPDLFMKRVEENGTWTLFSPTSAPGLSDCYGDEFEALYTRYEKEGRGKTIKAQKLWYSILEAQTETG
TPFVVYKDACNRKSNQKNLGVIKSSNLCCEIVEYSAPDETAVCNLASVALPAFIETSEDGKTSTYNFKKLHEIAKVVTRN
LNRVIDRNYYPVEEARKSNMRHRPIALGVQGLADTFMLLRLPFDSEEARLLNIQIFETIYHASMEASCELAQKDGPYETF
QGSPASQGILQFDMWDQKPYGMWDWDTLRKDIMKHGVRNSLTMAPMPTASTSQILGYNECFEPVTSNMYSRRVLSGEFQV
VNPYLLRDLVDLGIWDEGMKQYLITQNGSIQGLPNVPQELKDLYKTVWEISQKTIINMAADRSVYIDQSHSLNLFLRAPT
MGKLTSMHFYGWKKGLKTGMYYLRTQAASAAIQFTIDQKIADQATENVADISNLKRPSYMPSSASYAASDFVPAAVTANA
TIPSLDSSSEASREASPAPTGSHSLTKGMAELNVQESKVEVPEVPAPTKNEEKAAPIVDDEETEFDIYNSKVIACAIDNP
EACEMCSG
;
_entity_poly.pdbx_strand_id   A
#
# COMPACT_ATOMS: atom_id res chain seq x y z
N THR A 76 25.61 5.11 -13.95
CA THR A 76 25.67 6.28 -14.87
C THR A 76 25.75 5.84 -16.35
N LEU A 77 26.86 5.21 -16.76
CA LEU A 77 26.97 4.59 -18.09
C LEU A 77 26.65 3.10 -18.07
N ALA A 78 27.04 2.40 -17.00
CA ALA A 78 26.71 0.98 -16.78
C ALA A 78 25.19 0.74 -16.52
N ALA A 79 24.39 1.22 -17.47
CA ALA A 79 22.94 0.98 -17.53
C ALA A 79 22.60 0.88 -19.01
N ARG A 80 23.28 1.69 -19.81
CA ARG A 80 23.34 1.49 -21.25
C ARG A 80 24.21 0.26 -21.58
N ILE A 81 24.96 -0.21 -20.57
CA ILE A 81 25.96 -1.28 -20.75
C ILE A 81 25.53 -2.66 -20.19
N ALA A 82 24.94 -2.68 -18.99
CA ALA A 82 24.43 -3.94 -18.41
C ALA A 82 23.07 -4.34 -18.99
N ILE A 83 22.35 -3.39 -19.57
CA ILE A 83 21.11 -3.64 -20.30
C ILE A 83 21.41 -4.27 -21.65
N SER A 84 22.35 -3.66 -22.38
CA SER A 84 22.80 -4.13 -23.70
C SER A 84 23.53 -5.49 -23.68
N ASN A 85 24.07 -5.86 -22.52
CA ASN A 85 24.71 -7.18 -22.28
C ASN A 85 23.74 -8.34 -22.20
N LEU A 86 22.62 -8.14 -21.49
CA LEU A 86 21.56 -9.12 -21.46
C LEU A 86 20.83 -9.21 -22.81
N HIS A 87 20.89 -8.15 -23.61
CA HIS A 87 20.40 -8.18 -24.99
C HIS A 87 21.23 -9.12 -25.89
N LYS A 88 22.47 -9.36 -25.46
CA LYS A 88 23.38 -10.29 -26.14
C LYS A 88 23.07 -11.74 -25.69
N GLN A 89 22.82 -11.90 -24.39
CA GLN A 89 22.68 -13.21 -23.74
C GLN A 89 21.23 -13.65 -23.52
N THR A 90 20.34 -13.24 -24.42
CA THR A 90 18.90 -13.53 -24.33
C THR A 90 18.27 -13.67 -25.73
N THR A 91 17.37 -14.64 -25.89
CA THR A 91 16.60 -14.89 -27.14
C THR A 91 15.77 -13.65 -27.58
N LYS A 92 15.67 -13.39 -28.88
CA LYS A 92 15.02 -12.16 -29.36
C LYS A 92 13.50 -12.23 -29.48
N GLN A 93 13.00 -13.30 -30.08
CA GLN A 93 11.56 -13.45 -30.37
C GLN A 93 10.77 -13.81 -29.13
N PHE A 94 9.62 -13.18 -28.98
CA PHE A 94 8.83 -13.33 -27.76
C PHE A 94 8.24 -14.73 -27.70
N SER A 95 7.58 -15.14 -28.77
CA SER A 95 6.92 -16.42 -28.79
C SER A 95 7.93 -17.51 -28.38
N LYS A 96 9.19 -17.34 -28.81
CA LYS A 96 10.24 -18.28 -28.46
C LYS A 96 10.60 -18.30 -26.97
N VAL A 97 10.55 -17.13 -26.31
CA VAL A 97 10.80 -17.13 -24.88
C VAL A 97 9.66 -17.85 -24.19
N VAL A 98 8.42 -17.58 -24.58
CA VAL A 98 7.30 -18.29 -23.97
C VAL A 98 7.55 -19.81 -24.05
N GLU A 99 7.96 -20.26 -25.24
CA GLU A 99 8.26 -21.66 -25.52
C GLU A 99 9.29 -22.25 -24.58
N ASP A 100 10.39 -21.56 -24.37
CA ASP A 100 11.37 -22.05 -23.42
C ASP A 100 10.76 -22.23 -22.01
N LEU A 101 10.02 -21.21 -21.55
CA LEU A 101 9.40 -21.25 -20.25
C LEU A 101 8.40 -22.40 -20.15
N TYR A 102 7.36 -22.34 -20.96
CA TYR A 102 6.35 -23.39 -20.99
C TYR A 102 6.91 -24.84 -20.96
N ARG A 103 8.05 -25.08 -21.62
CA ARG A 103 8.59 -26.44 -21.82
C ARG A 103 9.54 -26.88 -20.72
N TYR A 104 9.78 -25.99 -19.75
CA TYR A 104 10.91 -26.10 -18.84
C TYR A 104 10.76 -27.24 -17.85
N VAL A 105 11.89 -27.85 -17.51
CA VAL A 105 11.96 -29.06 -16.70
C VAL A 105 13.07 -28.89 -15.68
N ASN A 106 12.72 -29.02 -14.41
CA ASN A 106 13.70 -28.99 -13.33
C ASN A 106 14.66 -30.17 -13.45
N ALA A 107 15.94 -29.88 -13.68
CA ALA A 107 16.95 -30.93 -13.94
C ALA A 107 17.31 -31.85 -12.76
N ALA A 108 17.16 -31.35 -11.54
CA ALA A 108 17.50 -32.13 -10.36
C ALA A 108 16.43 -33.15 -10.01
N THR A 109 15.29 -33.07 -10.70
CA THR A 109 14.13 -33.85 -10.29
C THR A 109 13.44 -34.49 -11.49
N GLY A 110 13.92 -34.15 -12.68
CA GLY A 110 13.33 -34.63 -13.93
C GLY A 110 11.84 -34.37 -14.05
N LYS A 111 11.38 -33.31 -13.37
CA LYS A 111 9.95 -32.97 -13.20
C LYS A 111 9.59 -31.75 -14.06
N PRO A 112 8.40 -31.75 -14.72
CA PRO A 112 8.09 -30.58 -15.57
C PRO A 112 7.67 -29.41 -14.70
N ALA A 113 8.35 -28.29 -14.88
CA ALA A 113 8.09 -27.10 -14.10
C ALA A 113 7.82 -25.94 -15.06
N PRO A 114 6.65 -25.95 -15.75
CA PRO A 114 6.37 -24.83 -16.67
C PRO A 114 6.26 -23.50 -15.93
N MET A 115 6.49 -22.41 -16.65
CA MET A 115 6.45 -21.05 -16.09
C MET A 115 5.44 -20.14 -16.80
N ILE A 116 4.70 -20.70 -17.76
CA ILE A 116 3.53 -20.06 -18.32
C ILE A 116 2.38 -21.03 -18.11
N SER A 117 1.15 -20.53 -18.09
CA SER A 117 -0.02 -21.39 -17.98
C SER A 117 -0.46 -21.83 -19.37
N ASP A 118 -1.22 -22.93 -19.44
CA ASP A 118 -1.86 -23.39 -20.66
C ASP A 118 -2.59 -22.27 -21.34
N ASP A 119 -3.58 -21.69 -20.65
CA ASP A 119 -4.42 -20.58 -21.16
C ASP A 119 -3.56 -19.56 -21.90
N VAL A 120 -2.52 -19.02 -21.26
CA VAL A 120 -1.69 -17.94 -21.86
C VAL A 120 -0.79 -18.47 -22.97
N TYR A 121 -0.07 -19.56 -22.69
CA TYR A 121 0.80 -20.20 -23.69
C TYR A 121 0.09 -20.26 -25.04
N ASN A 122 -1.11 -20.86 -25.03
CA ASN A 122 -2.00 -20.90 -26.18
C ASN A 122 -2.21 -19.55 -26.81
N ILE A 123 -2.62 -18.56 -26.02
CA ILE A 123 -2.86 -17.20 -26.54
C ILE A 123 -1.64 -16.72 -27.31
N VAL A 124 -0.45 -16.82 -26.73
CA VAL A 124 0.77 -16.33 -27.41
C VAL A 124 0.93 -16.97 -28.78
N MET A 125 0.77 -18.30 -28.82
CA MET A 125 1.00 -19.10 -30.03
C MET A 125 0.09 -18.66 -31.16
N GLU A 126 -1.20 -18.57 -30.83
CA GLU A 126 -2.22 -18.22 -31.82
C GLU A 126 -2.21 -16.75 -32.22
N ASN A 127 -1.29 -15.96 -31.67
CA ASN A 127 -1.09 -14.60 -32.17
C ASN A 127 0.40 -14.27 -32.31
N LYS A 128 1.22 -15.30 -32.50
CA LYS A 128 2.67 -15.09 -32.44
C LYS A 128 3.14 -13.87 -33.23
N ASP A 129 2.67 -13.74 -34.47
CA ASP A 129 3.08 -12.65 -35.35
C ASP A 129 2.63 -11.28 -34.87
N LYS A 130 1.36 -11.17 -34.48
CA LYS A 130 0.82 -9.89 -34.02
C LYS A 130 1.52 -9.41 -32.76
N LEU A 131 2.06 -10.38 -32.01
CA LEU A 131 2.58 -10.11 -30.68
C LEU A 131 4.09 -9.77 -30.69
N ASN A 132 4.89 -10.55 -31.39
CA ASN A 132 6.32 -10.28 -31.46
C ASN A 132 6.65 -8.95 -32.13
N SER A 133 5.74 -8.49 -33.00
CA SER A 133 5.90 -7.25 -33.77
C SER A 133 5.29 -6.06 -33.04
N ALA A 134 4.74 -6.32 -31.86
CA ALA A 134 4.32 -5.24 -31.01
C ALA A 134 5.53 -4.74 -30.25
N ILE A 135 6.28 -5.66 -29.65
CA ILE A 135 7.35 -5.33 -28.72
C ILE A 135 8.44 -4.43 -29.31
N VAL A 136 8.34 -3.13 -29.04
CA VAL A 136 9.36 -2.15 -29.43
C VAL A 136 10.56 -2.26 -28.46
N TYR A 137 11.61 -2.96 -28.89
CA TYR A 137 12.76 -3.33 -28.01
C TYR A 137 13.69 -2.18 -27.57
N ASP A 138 13.66 -1.09 -28.33
CA ASP A 138 14.31 0.18 -27.97
C ASP A 138 13.69 0.77 -26.64
N ARG A 139 12.69 0.08 -26.10
CA ARG A 139 12.00 0.55 -24.91
C ARG A 139 12.61 0.00 -23.63
N ASP A 140 13.51 -0.97 -23.77
CA ASP A 140 14.27 -1.48 -22.61
C ASP A 140 15.28 -0.45 -22.09
N PHE A 141 15.50 0.62 -22.86
CA PHE A 141 16.40 1.71 -22.48
C PHE A 141 15.70 2.91 -21.81
N GLN A 142 14.60 2.61 -21.14
CA GLN A 142 13.86 3.62 -20.39
C GLN A 142 14.15 3.43 -18.90
N TYR A 143 14.86 2.35 -18.58
CA TYR A 143 15.19 2.01 -17.20
C TYR A 143 16.60 2.45 -16.87
N SER A 144 16.76 2.92 -15.63
CA SER A 144 18.03 3.40 -15.12
C SER A 144 18.89 2.24 -14.64
N TYR A 145 20.05 2.62 -14.09
CA TYR A 145 20.93 1.75 -13.29
C TYR A 145 20.19 0.79 -12.35
N PHE A 146 19.80 1.25 -11.17
CA PHE A 146 19.21 0.32 -10.22
C PHE A 146 17.75 0.00 -10.52
N GLY A 147 17.13 0.78 -11.40
CA GLY A 147 15.78 0.46 -11.87
C GLY A 147 15.75 -0.96 -12.44
N PHE A 148 16.61 -1.14 -13.45
CA PHE A 148 16.74 -2.38 -14.22
C PHE A 148 17.43 -3.56 -13.49
N LYS A 149 18.48 -3.28 -12.70
CA LYS A 149 19.17 -4.35 -11.96
C LYS A 149 18.29 -4.89 -10.82
N THR A 150 17.12 -4.27 -10.66
CA THR A 150 16.11 -4.74 -9.72
C THR A 150 15.17 -5.67 -10.45
N LEU A 151 14.83 -5.30 -11.69
CA LEU A 151 14.07 -6.17 -12.57
C LEU A 151 14.86 -7.43 -12.82
N GLU A 152 16.16 -7.24 -13.08
CA GLU A 152 17.09 -8.34 -13.27
C GLU A 152 17.15 -9.29 -12.05
N ARG A 153 17.55 -8.78 -10.88
CA ARG A 153 17.83 -9.66 -9.73
C ARG A 153 16.63 -10.51 -9.26
N SER A 154 15.43 -9.93 -9.28
CA SER A 154 14.27 -10.61 -8.70
C SER A 154 13.00 -10.76 -9.57
N TYR A 155 12.87 -9.98 -10.64
CA TYR A 155 11.58 -9.95 -11.36
C TYR A 155 11.46 -10.85 -12.58
N LEU A 156 12.44 -10.76 -13.48
CA LEU A 156 12.48 -11.53 -14.73
C LEU A 156 12.66 -13.03 -14.53
N LEU A 157 11.86 -13.79 -15.25
CA LEU A 157 11.87 -15.21 -15.08
C LEU A 157 13.20 -15.80 -15.51
N ARG A 158 13.58 -16.85 -14.81
CA ARG A 158 14.93 -17.38 -14.86
C ARG A 158 14.90 -18.83 -15.30
N ILE A 159 15.63 -19.16 -16.36
CA ILE A 159 15.97 -20.55 -16.61
C ILE A 159 17.09 -20.93 -15.63
N ASN A 160 18.10 -21.66 -16.06
CA ASN A 160 19.04 -22.19 -15.06
C ASN A 160 19.90 -21.10 -14.47
N GLY A 161 19.37 -20.47 -13.41
CA GLY A 161 19.94 -19.23 -12.90
C GLY A 161 20.19 -18.19 -14.00
N GLN A 162 20.05 -18.59 -15.26
CA GLN A 162 20.19 -17.68 -16.39
C GLN A 162 18.88 -16.96 -16.64
N VAL A 163 18.95 -15.67 -16.99
CA VAL A 163 17.74 -14.91 -17.25
C VAL A 163 17.26 -15.20 -18.65
N ALA A 164 15.98 -15.54 -18.79
CA ALA A 164 15.39 -15.82 -20.09
C ALA A 164 14.53 -14.68 -20.57
N GLU A 165 13.91 -13.98 -19.63
CA GLU A 165 12.99 -12.89 -19.95
C GLU A 165 13.69 -11.54 -20.10
N ARG A 166 13.51 -10.91 -21.26
CA ARG A 166 13.88 -9.51 -21.36
C ARG A 166 12.84 -8.66 -20.62
N PRO A 167 13.18 -7.43 -20.26
CA PRO A 167 12.18 -6.61 -19.59
C PRO A 167 10.91 -6.40 -20.42
N GLN A 168 11.05 -6.21 -21.73
CA GLN A 168 9.88 -6.08 -22.62
C GLN A 168 9.11 -7.40 -22.74
N HIS A 169 9.63 -8.47 -22.16
CA HIS A 169 8.99 -9.79 -22.22
C HIS A 169 8.12 -9.97 -20.99
N LEU A 170 8.67 -9.61 -19.83
CA LEU A 170 7.94 -9.57 -18.56
C LEU A 170 6.70 -8.69 -18.71
N ILE A 171 6.84 -7.51 -19.32
CA ILE A 171 5.69 -6.61 -19.53
C ILE A 171 4.62 -7.32 -20.35
N MET A 172 5.00 -7.77 -21.55
CA MET A 172 4.05 -8.37 -22.46
C MET A 172 3.33 -9.56 -21.82
N ARG A 173 4.09 -10.44 -21.16
CA ARG A 173 3.51 -11.54 -20.42
C ARG A 173 2.52 -11.07 -19.34
N VAL A 174 2.88 -9.99 -18.63
CA VAL A 174 2.01 -9.42 -17.61
C VAL A 174 0.71 -8.97 -18.26
N ALA A 175 0.85 -8.33 -19.44
CA ALA A 175 -0.31 -7.79 -20.17
C ALA A 175 -1.27 -8.90 -20.63
N LEU A 176 -0.72 -10.02 -21.08
CA LEU A 176 -1.52 -11.19 -21.41
C LEU A 176 -2.08 -11.83 -20.16
N GLY A 177 -1.21 -12.03 -19.17
CA GLY A 177 -1.63 -12.63 -17.91
C GLY A 177 -2.86 -11.95 -17.37
N ILE A 178 -3.01 -10.68 -17.74
CA ILE A 178 -4.13 -9.86 -17.30
C ILE A 178 -5.32 -9.91 -18.26
N HIS A 179 -5.05 -9.79 -19.56
CA HIS A 179 -6.10 -9.50 -20.54
C HIS A 179 -6.73 -10.64 -21.36
N GLY A 180 -6.16 -11.84 -21.30
CA GLY A 180 -6.68 -13.00 -22.07
C GLY A 180 -6.81 -12.87 -23.59
N ARG A 181 -8.01 -13.12 -24.11
CA ARG A 181 -8.27 -13.06 -25.56
C ARG A 181 -8.59 -11.65 -26.08
N ASP A 182 -8.80 -10.69 -25.18
CA ASP A 182 -8.87 -9.27 -25.51
C ASP A 182 -7.44 -8.84 -25.79
N ILE A 183 -6.96 -9.12 -27.01
CA ILE A 183 -5.56 -8.85 -27.39
C ILE A 183 -5.45 -7.36 -27.68
N GLU A 184 -6.61 -6.76 -27.91
CA GLU A 184 -6.71 -5.31 -27.95
C GLU A 184 -6.29 -4.66 -26.63
N ALA A 185 -6.94 -5.01 -25.52
CA ALA A 185 -6.57 -4.50 -24.19
C ALA A 185 -5.12 -4.81 -23.82
N ALA A 186 -4.70 -6.03 -24.14
CA ALA A 186 -3.34 -6.53 -23.91
C ALA A 186 -2.31 -5.54 -24.45
N LEU A 187 -2.39 -5.29 -25.77
CA LEU A 187 -1.47 -4.42 -26.51
C LEU A 187 -1.43 -2.97 -26.03
N GLU A 188 -2.59 -2.48 -25.59
CA GLU A 188 -2.74 -1.13 -25.05
C GLU A 188 -2.12 -1.08 -23.65
N THR A 189 -2.30 -2.16 -22.89
CA THR A 189 -1.69 -2.28 -21.57
C THR A 189 -0.17 -2.45 -21.72
N TYR A 190 0.27 -3.18 -22.74
CA TYR A 190 1.70 -3.33 -22.97
C TYR A 190 2.38 -1.99 -23.27
N ASN A 191 1.77 -1.18 -24.13
CA ASN A 191 2.33 0.14 -24.50
C ASN A 191 2.53 1.09 -23.36
N LEU A 192 1.54 1.16 -22.48
CA LEU A 192 1.61 2.12 -21.41
C LEU A 192 2.66 1.68 -20.39
N MET A 193 2.73 0.38 -20.12
CA MET A 193 3.73 -0.13 -19.19
C MET A 193 5.16 0.06 -19.68
N SER A 194 5.36 -0.07 -20.99
CA SER A 194 6.69 0.10 -21.61
C SER A 194 7.09 1.57 -21.72
N LEU A 195 6.14 2.46 -22.04
CA LEU A 195 6.39 3.92 -22.00
C LEU A 195 6.31 4.49 -20.56
N LYS A 196 6.23 3.60 -19.58
CA LYS A 196 6.24 3.97 -18.16
C LYS A 196 5.15 4.99 -17.77
N TYR A 197 3.92 4.74 -18.22
CA TYR A 197 2.75 5.46 -17.74
C TYR A 197 2.25 4.99 -16.37
N PHE A 198 2.47 3.72 -16.05
CA PHE A 198 1.97 3.12 -14.80
C PHE A 198 2.59 1.75 -14.62
N THR A 199 2.39 1.11 -13.46
CA THR A 199 2.80 -0.27 -13.35
C THR A 199 1.98 -1.08 -12.35
N HIS A 200 2.21 -2.39 -12.27
CA HIS A 200 1.44 -3.19 -11.30
C HIS A 200 2.28 -3.59 -10.07
N ALA A 201 1.63 -3.93 -8.97
CA ALA A 201 2.39 -4.30 -7.79
C ALA A 201 3.12 -5.62 -8.02
N SER A 202 4.08 -5.89 -7.14
CA SER A 202 5.04 -6.98 -7.32
C SER A 202 4.43 -8.35 -7.53
N PRO A 203 3.45 -8.74 -6.70
CA PRO A 203 2.82 -10.05 -6.97
C PRO A 203 2.33 -10.20 -8.42
N THR A 204 1.76 -9.14 -8.97
CA THR A 204 1.30 -9.17 -10.35
C THR A 204 2.47 -9.35 -11.30
N LEU A 205 3.52 -8.53 -11.19
CA LEU A 205 4.67 -8.55 -12.11
C LEU A 205 5.33 -9.95 -12.17
N PHE A 206 5.62 -10.50 -10.98
CA PHE A 206 6.10 -11.89 -10.78
C PHE A 206 5.25 -12.97 -11.43
N ASN A 207 3.96 -13.02 -11.05
CA ASN A 207 3.08 -14.15 -11.31
C ASN A 207 2.12 -14.07 -12.50
N ALA A 208 1.88 -12.89 -13.06
CA ALA A 208 0.83 -12.77 -14.06
C ALA A 208 1.23 -13.60 -15.26
N GLY A 209 0.28 -14.39 -15.75
CA GLY A 209 0.54 -15.19 -16.94
C GLY A 209 1.25 -16.51 -16.67
N THR A 210 1.37 -16.87 -15.39
CA THR A 210 2.12 -18.05 -14.99
C THR A 210 1.17 -19.04 -14.29
N PRO A 211 1.51 -20.37 -14.31
CA PRO A 211 0.71 -21.52 -13.85
C PRO A 211 -0.43 -21.30 -12.88
N LYS A 212 -0.17 -20.76 -11.69
CA LYS A 212 -1.31 -20.42 -10.82
C LYS A 212 -1.12 -19.00 -10.33
N PRO A 213 -1.65 -18.02 -11.08
CA PRO A 213 -1.28 -16.61 -10.90
C PRO A 213 -1.80 -15.98 -9.59
N GLN A 214 -0.90 -15.73 -8.63
CA GLN A 214 -1.25 -15.05 -7.40
C GLN A 214 -0.71 -13.63 -7.52
N MET A 215 -1.61 -12.69 -7.88
CA MET A 215 -1.30 -11.28 -8.31
C MET A 215 -1.63 -10.23 -7.24
N SER A 216 -1.93 -10.70 -6.03
CA SER A 216 -2.46 -9.88 -4.94
C SER A 216 -1.46 -9.64 -3.82
N SER A 217 -1.21 -8.36 -3.52
CA SER A 217 -0.25 -7.94 -2.49
C SER A 217 -0.68 -8.18 -1.03
N CYS A 218 -1.95 -8.04 -0.72
CA CYS A 218 -2.33 -7.98 0.71
C CYS A 218 -3.62 -8.70 1.14
N PHE A 219 -3.62 -9.08 2.40
CA PHE A 219 -4.66 -9.92 2.97
C PHE A 219 -5.02 -9.42 4.35
N LEU A 220 -6.30 -9.09 4.55
CA LEU A 220 -6.77 -8.77 5.90
C LEU A 220 -7.53 -9.93 6.51
N VAL A 221 -6.96 -10.57 7.54
CA VAL A 221 -7.47 -11.84 8.08
C VAL A 221 -8.10 -11.69 9.45
N ALA A 222 -9.23 -12.35 9.66
CA ALA A 222 -9.88 -12.38 10.97
C ALA A 222 -9.46 -13.58 11.86
N MET A 223 -9.30 -13.31 13.15
CA MET A 223 -9.04 -14.37 14.08
C MET A 223 -10.35 -15.14 14.22
N LYS A 224 -10.37 -16.39 13.78
CA LYS A 224 -11.64 -17.13 13.66
C LYS A 224 -12.52 -17.29 14.90
N GLU A 225 -11.93 -17.43 16.10
CA GLU A 225 -12.74 -17.61 17.33
C GLU A 225 -11.86 -17.74 18.58
N ASP A 226 -12.37 -17.36 19.74
CA ASP A 226 -11.54 -17.32 20.95
C ASP A 226 -11.46 -18.74 21.57
N SER A 227 -10.73 -19.58 20.85
CA SER A 227 -10.54 -21.01 21.14
C SER A 227 -9.27 -21.49 20.46
N ILE A 228 -8.74 -22.62 20.92
CA ILE A 228 -7.65 -23.35 20.24
C ILE A 228 -7.96 -23.71 18.76
N GLU A 229 -9.11 -24.34 18.53
CA GLU A 229 -9.59 -24.62 17.18
C GLU A 229 -9.52 -23.34 16.35
N GLY A 230 -10.14 -22.28 16.83
CA GLY A 230 -10.12 -21.02 16.09
C GLY A 230 -8.71 -20.52 15.86
N ILE A 231 -7.89 -20.60 16.91
CA ILE A 231 -6.53 -20.05 16.85
C ILE A 231 -5.67 -20.79 15.85
N TYR A 232 -5.68 -22.12 15.96
CA TYR A 232 -4.92 -22.96 15.04
C TYR A 232 -5.48 -22.96 13.63
N ASP A 233 -6.79 -22.74 13.49
CA ASP A 233 -7.41 -22.62 12.16
C ASP A 233 -6.96 -21.36 11.47
N THR A 234 -6.76 -20.31 12.26
CA THR A 234 -6.27 -19.04 11.75
C THR A 234 -4.77 -19.16 11.45
N LEU A 235 -4.07 -20.03 12.18
CA LEU A 235 -2.63 -20.13 12.04
C LEU A 235 -2.26 -20.87 10.79
N LYS A 236 -3.07 -21.86 10.45
CA LYS A 236 -2.92 -22.57 9.20
C LYS A 236 -3.16 -21.60 8.06
N GLU A 237 -4.32 -20.94 8.08
CA GLU A 237 -4.68 -19.99 7.06
C GLU A 237 -3.51 -19.04 6.83
N CYS A 238 -2.84 -18.63 7.89
CA CYS A 238 -1.79 -17.63 7.71
C CYS A 238 -0.58 -18.24 7.03
N ALA A 239 -0.32 -19.50 7.35
CA ALA A 239 0.74 -20.22 6.67
C ALA A 239 0.35 -20.33 5.21
N LEU A 240 -0.83 -20.89 4.96
CA LEU A 240 -1.30 -21.07 3.59
C LEU A 240 -1.22 -19.77 2.75
N ILE A 241 -1.53 -18.63 3.37
CA ILE A 241 -1.39 -17.34 2.68
C ILE A 241 0.08 -16.97 2.53
N SER A 242 0.84 -17.19 3.60
CA SER A 242 2.20 -16.69 3.68
C SER A 242 3.07 -17.42 2.68
N LYS A 243 2.57 -18.57 2.22
CA LYS A 243 3.34 -19.51 1.42
C LYS A 243 3.39 -19.20 -0.05
N THR A 244 2.39 -18.51 -0.53
CA THR A 244 2.52 -17.82 -1.76
C THR A 244 3.12 -16.60 -1.15
N ALA A 245 2.81 -15.41 -1.62
CA ALA A 245 3.45 -14.28 -0.99
C ALA A 245 2.58 -13.06 -0.92
N GLY A 246 1.83 -12.94 0.16
CA GLY A 246 1.04 -11.76 0.37
C GLY A 246 1.13 -11.28 1.79
N GLY A 247 1.36 -9.99 1.99
CA GLY A 247 1.46 -9.44 3.32
C GLY A 247 0.24 -9.87 4.04
N ILE A 248 0.13 -9.55 5.31
CA ILE A 248 -1.01 -9.94 6.08
C ILE A 248 -1.34 -8.95 7.16
N GLY A 249 -2.61 -8.65 7.29
CA GLY A 249 -3.12 -7.89 8.39
C GLY A 249 -4.05 -8.81 9.17
N LEU A 250 -3.64 -9.19 10.37
CA LEU A 250 -4.47 -10.04 11.21
C LEU A 250 -4.89 -9.25 12.43
N HIS A 251 -6.13 -9.42 12.90
CA HIS A 251 -6.60 -8.72 14.11
C HIS A 251 -7.14 -9.67 15.15
N ILE A 252 -6.96 -9.30 16.41
CA ILE A 252 -6.97 -10.27 17.46
C ILE A 252 -7.76 -9.75 18.65
N HIS A 253 -8.64 -8.81 18.38
CA HIS A 253 -9.39 -8.10 19.42
C HIS A 253 -10.15 -9.03 20.31
N ASN A 254 -10.25 -10.31 19.96
CA ASN A 254 -11.20 -11.18 20.65
C ASN A 254 -10.54 -12.23 21.50
N ILE A 255 -9.22 -12.28 21.48
CA ILE A 255 -8.51 -13.30 22.27
C ILE A 255 -8.46 -12.94 23.76
N ARG A 256 -9.03 -13.81 24.60
CA ARG A 256 -9.08 -13.51 26.01
C ARG A 256 -7.70 -13.19 26.59
N SER A 257 -7.63 -12.22 27.48
CA SER A 257 -6.37 -11.63 27.95
C SER A 257 -5.78 -12.40 29.12
N THR A 258 -4.46 -12.24 29.34
CA THR A 258 -3.75 -12.94 30.46
C THR A 258 -4.65 -13.09 31.65
N GLY A 259 -4.88 -14.32 32.10
CA GLY A 259 -5.53 -14.54 33.37
C GLY A 259 -6.95 -15.02 33.26
N SER A 260 -7.63 -14.71 32.16
CA SER A 260 -9.03 -15.08 31.96
C SER A 260 -9.23 -16.57 32.16
N TYR A 261 -10.46 -16.94 32.51
CA TYR A 261 -10.75 -18.31 32.89
C TYR A 261 -10.85 -19.18 31.63
N ILE A 262 -10.53 -20.48 31.75
CA ILE A 262 -10.92 -21.45 30.71
C ILE A 262 -11.72 -22.59 31.33
N ALA A 263 -12.96 -22.70 30.85
CA ALA A 263 -13.96 -23.64 31.33
C ALA A 263 -13.60 -25.11 31.12
N GLY A 264 -13.03 -25.43 29.94
CA GLY A 264 -12.72 -26.82 29.54
C GLY A 264 -11.57 -27.56 30.22
N THR A 265 -10.78 -26.82 31.01
CA THR A 265 -9.56 -27.36 31.64
C THR A 265 -9.35 -26.72 33.00
N ASN A 266 -10.41 -26.17 33.57
CA ASN A 266 -10.31 -25.40 34.84
C ASN A 266 -8.94 -24.73 34.95
N GLY A 267 -8.70 -23.80 34.02
CA GLY A 267 -7.40 -23.19 33.90
C GLY A 267 -7.42 -21.69 33.61
N THR A 268 -6.22 -21.16 33.44
CA THR A 268 -6.03 -19.72 33.25
C THR A 268 -5.15 -19.41 32.02
N SER A 269 -5.44 -18.31 31.33
CA SER A 269 -4.73 -17.94 30.08
C SER A 269 -3.44 -17.16 30.29
N ASN A 270 -2.40 -17.55 29.53
CA ASN A 270 -1.13 -16.84 29.51
C ASN A 270 -1.23 -15.65 28.57
N GLY A 271 -2.38 -15.54 27.92
CA GLY A 271 -2.82 -14.32 27.30
C GLY A 271 -2.47 -14.16 25.85
N LEU A 272 -2.06 -12.94 25.51
CA LEU A 272 -1.85 -12.58 24.14
C LEU A 272 -0.44 -12.80 23.65
N ILE A 273 0.55 -12.73 24.52
CA ILE A 273 1.93 -12.70 24.01
C ILE A 273 2.36 -14.03 23.43
N PRO A 274 2.23 -15.13 24.22
CA PRO A 274 2.58 -16.47 23.70
C PRO A 274 1.85 -16.80 22.40
N MET A 275 0.62 -16.31 22.27
CA MET A 275 -0.12 -16.43 21.03
C MET A 275 0.56 -15.67 19.93
N ILE A 276 0.98 -14.43 20.20
CA ILE A 276 1.77 -13.70 19.19
C ILE A 276 2.95 -14.57 18.74
N ARG A 277 3.66 -15.13 19.73
CA ARG A 277 4.89 -15.88 19.54
C ARG A 277 4.84 -17.05 18.55
N VAL A 278 3.78 -17.85 18.66
CA VAL A 278 3.41 -18.89 17.67
C VAL A 278 3.29 -18.29 16.25
N PHE A 279 2.61 -17.16 16.12
CA PHE A 279 2.35 -16.58 14.82
C PHE A 279 3.66 -16.08 14.24
N ASN A 280 4.42 -15.44 15.12
CA ASN A 280 5.72 -14.94 14.76
C ASN A 280 6.50 -16.08 14.15
N ASN A 281 6.53 -17.17 14.89
CA ASN A 281 7.15 -18.40 14.48
C ASN A 281 6.73 -18.95 13.14
N THR A 282 5.44 -19.21 12.94
CA THR A 282 4.92 -19.55 11.60
C THR A 282 5.35 -18.54 10.58
N ALA A 283 5.51 -17.28 10.98
CA ALA A 283 5.93 -16.25 10.00
C ALA A 283 7.33 -16.50 9.50
N ARG A 284 8.23 -16.94 10.39
CA ARG A 284 9.58 -17.32 9.93
C ARG A 284 9.61 -18.62 9.15
N TYR A 285 9.16 -19.72 9.73
CA TYR A 285 9.04 -20.97 9.01
C TYR A 285 8.50 -20.83 7.57
N VAL A 286 7.34 -20.19 7.37
CA VAL A 286 6.80 -20.14 6.01
C VAL A 286 7.39 -18.99 5.15
N ASP A 287 8.65 -19.17 4.78
CA ASP A 287 9.39 -18.17 4.02
C ASP A 287 8.94 -18.05 2.51
N GLN A 288 7.89 -17.23 2.30
CA GLN A 288 7.16 -17.09 1.02
C GLN A 288 7.40 -18.12 -0.07
N GLY A 289 7.00 -19.37 0.20
CA GLY A 289 7.08 -20.45 -0.78
C GLY A 289 8.40 -21.17 -0.74
N GLY A 290 9.07 -21.09 0.41
CA GLY A 290 10.30 -21.86 0.64
C GLY A 290 11.53 -21.26 -0.01
N ASN A 291 12.39 -20.69 0.83
CA ASN A 291 13.64 -20.04 0.41
C ASN A 291 13.53 -18.64 -0.24
N LYS A 292 12.31 -18.11 -0.37
CA LYS A 292 12.17 -16.71 -0.83
C LYS A 292 12.25 -15.75 0.38
N ALA A 293 11.16 -15.05 0.69
CA ALA A 293 11.18 -14.07 1.76
C ALA A 293 10.47 -14.52 3.06
N PRO A 294 11.07 -14.24 4.23
CA PRO A 294 10.37 -14.58 5.50
C PRO A 294 9.09 -13.75 5.66
N GLY A 295 8.03 -14.39 6.15
CA GLY A 295 6.71 -13.78 6.20
C GLY A 295 6.69 -12.47 6.94
N ALA A 296 5.67 -11.64 6.65
CA ALA A 296 5.52 -10.30 7.22
C ALA A 296 4.08 -10.07 7.67
N PHE A 297 3.86 -10.01 8.99
CA PHE A 297 2.51 -9.82 9.53
C PHE A 297 2.35 -8.48 10.26
N ALA A 298 1.29 -7.75 9.91
CA ALA A 298 0.77 -6.71 10.77
C ALA A 298 -0.34 -7.30 11.67
N LEU A 299 -0.25 -7.01 12.98
CA LEU A 299 -1.25 -7.38 13.95
C LEU A 299 -1.98 -6.18 14.53
N TYR A 300 -3.31 -6.26 14.62
CA TYR A 300 -4.14 -5.15 15.12
C TYR A 300 -4.86 -5.41 16.46
N LEU A 301 -4.81 -4.41 17.37
CA LEU A 301 -5.56 -4.43 18.64
C LEU A 301 -6.23 -3.08 18.90
N GLU A 302 -7.22 -3.11 19.78
CA GLU A 302 -7.84 -1.91 20.27
C GLU A 302 -7.25 -1.66 21.65
N PRO A 303 -6.86 -0.39 21.94
CA PRO A 303 -6.04 -0.20 23.13
C PRO A 303 -6.81 -0.43 24.42
N TRP A 304 -8.06 -0.88 24.35
CA TRP A 304 -8.78 -1.20 25.58
C TRP A 304 -8.56 -2.65 25.97
N HIS A 305 -7.95 -3.44 25.08
CA HIS A 305 -7.52 -4.82 25.40
C HIS A 305 -6.44 -4.81 26.49
N ALA A 306 -6.66 -5.58 27.55
CA ALA A 306 -5.75 -5.68 28.73
C ALA A 306 -4.28 -6.11 28.47
N ASP A 307 -4.00 -6.80 27.37
CA ASP A 307 -2.62 -7.10 27.09
C ASP A 307 -1.86 -5.97 26.37
N ILE A 308 -2.48 -4.81 26.29
CA ILE A 308 -1.99 -3.70 25.45
C ILE A 308 -0.55 -3.23 25.69
N PHE A 309 -0.10 -3.26 26.93
CA PHE A 309 1.21 -2.72 27.24
C PHE A 309 2.31 -3.59 26.69
N ASP A 310 2.09 -4.91 26.76
CA ASP A 310 2.97 -5.92 26.18
C ASP A 310 2.89 -5.99 24.66
N PHE A 311 1.71 -5.65 24.11
CA PHE A 311 1.48 -5.73 22.66
C PHE A 311 2.17 -4.61 21.85
N ILE A 312 2.24 -3.43 22.45
CA ILE A 312 2.91 -2.31 21.82
C ILE A 312 4.41 -2.58 21.82
N ASP A 313 4.89 -3.21 22.89
CA ASP A 313 6.32 -3.48 23.05
C ASP A 313 6.95 -4.63 22.23
N ILE A 314 6.12 -5.42 21.55
CA ILE A 314 6.52 -6.56 20.71
C ILE A 314 7.80 -6.43 19.87
N ARG A 315 8.19 -5.21 19.47
CA ARG A 315 9.39 -4.99 18.64
C ARG A 315 10.49 -4.32 19.40
N LYS A 316 10.53 -4.51 20.70
CA LYS A 316 11.54 -3.83 21.46
C LYS A 316 12.86 -4.60 21.52
N ASN A 317 13.90 -3.82 21.75
CA ASN A 317 15.29 -4.17 21.53
C ASN A 317 15.97 -4.80 22.76
N HIS A 318 15.31 -4.75 23.91
CA HIS A 318 15.98 -5.07 25.18
C HIS A 318 15.74 -6.47 25.75
N GLY A 319 14.98 -6.50 26.85
CA GLY A 319 14.93 -7.64 27.78
C GLY A 319 13.89 -8.72 27.51
N LYS A 320 13.51 -9.44 28.57
CA LYS A 320 12.71 -10.69 28.46
C LYS A 320 12.42 -11.10 26.99
N GLU A 321 13.42 -11.74 26.37
CA GLU A 321 13.27 -12.34 25.03
C GLU A 321 11.97 -13.16 24.89
N GLU A 322 11.59 -13.92 25.93
CA GLU A 322 10.34 -14.71 25.92
C GLU A 322 9.06 -13.86 25.78
N ILE A 323 9.20 -12.52 25.86
CA ILE A 323 8.03 -11.64 25.84
C ILE A 323 7.93 -10.71 24.60
N ARG A 324 8.96 -10.75 23.74
CA ARG A 324 8.95 -10.05 22.44
C ARG A 324 8.54 -10.94 21.27
N ALA A 325 8.55 -10.36 20.06
CA ALA A 325 8.23 -11.05 18.83
C ALA A 325 8.69 -10.16 17.68
N ARG A 326 9.99 -10.21 17.38
CA ARG A 326 10.66 -9.20 16.53
C ARG A 326 10.30 -9.21 15.05
N ASP A 327 9.61 -10.23 14.56
CA ASP A 327 9.30 -10.29 13.11
C ASP A 327 7.84 -9.97 12.73
N LEU A 328 7.10 -9.42 13.68
CA LEU A 328 5.75 -8.97 13.44
C LEU A 328 5.67 -7.48 13.72
N PHE A 329 4.62 -6.84 13.19
CA PHE A 329 4.39 -5.40 13.36
C PHE A 329 3.08 -5.13 14.13
N PRO A 330 3.19 -4.55 15.36
CA PRO A 330 2.01 -4.14 16.11
C PRO A 330 1.39 -2.90 15.49
N ALA A 331 0.08 -2.92 15.33
CA ALA A 331 -0.67 -1.72 14.93
C ALA A 331 -1.88 -1.53 15.86
N LEU A 332 -2.23 -0.26 16.04
CA LEU A 332 -3.37 0.07 16.85
C LEU A 332 -4.59 0.38 16.01
N TRP A 333 -5.69 -0.17 16.44
CA TRP A 333 -6.99 0.17 15.93
C TRP A 333 -7.49 1.12 17.02
N ILE A 334 -7.41 2.44 16.78
CA ILE A 334 -7.65 3.41 17.85
C ILE A 334 -9.04 4.04 17.78
N PRO A 335 -9.90 3.73 18.78
CA PRO A 335 -11.17 4.47 18.95
C PRO A 335 -10.96 5.93 19.45
N ASP A 336 -11.69 6.89 18.84
CA ASP A 336 -11.71 8.29 19.32
C ASP A 336 -11.77 8.45 20.83
N LEU A 337 -12.68 7.71 21.49
CA LEU A 337 -12.77 7.79 22.95
C LEU A 337 -11.40 7.86 23.58
N PHE A 338 -10.48 7.04 23.06
CA PHE A 338 -9.15 6.93 23.62
C PHE A 338 -8.42 8.26 23.49
N MET A 339 -8.48 8.82 22.30
CA MET A 339 -7.87 10.11 22.08
C MET A 339 -8.45 11.21 22.96
N LYS A 340 -9.78 11.22 23.11
CA LYS A 340 -10.48 12.17 24.02
C LYS A 340 -9.94 12.05 25.47
N ARG A 341 -10.05 10.86 26.03
CA ARG A 341 -9.52 10.57 27.37
C ARG A 341 -8.11 11.13 27.56
N VAL A 342 -7.22 10.83 26.62
CA VAL A 342 -5.84 11.29 26.67
C VAL A 342 -5.73 12.85 26.72
N GLU A 343 -6.43 13.56 25.83
CA GLU A 343 -6.38 15.02 25.88
C GLU A 343 -7.14 15.65 27.05
N GLU A 344 -8.14 14.95 27.58
CA GLU A 344 -8.89 15.40 28.76
C GLU A 344 -8.21 14.96 30.04
N ASN A 345 -7.02 14.40 29.92
CA ASN A 345 -6.33 13.74 31.02
C ASN A 345 -7.24 12.96 32.00
N GLY A 346 -8.05 12.06 31.47
CA GLY A 346 -8.99 11.27 32.28
C GLY A 346 -8.61 9.80 32.46
N THR A 347 -9.61 8.96 32.69
CA THR A 347 -9.36 7.53 32.88
C THR A 347 -9.45 6.73 31.59
N TRP A 348 -8.88 5.53 31.62
CA TRP A 348 -9.07 4.51 30.55
C TRP A 348 -9.11 3.15 31.16
N THR A 349 -10.08 2.35 30.70
CA THR A 349 -10.34 1.03 31.30
C THR A 349 -10.04 -0.12 30.34
N LEU A 350 -9.27 -1.08 30.85
CA LEU A 350 -8.78 -2.24 30.11
C LEU A 350 -9.63 -3.48 30.38
N PHE A 351 -9.97 -4.22 29.32
CA PHE A 351 -10.84 -5.38 29.45
C PHE A 351 -10.22 -6.58 28.75
N SER A 352 -10.60 -7.77 29.21
CA SER A 352 -10.51 -8.99 28.42
C SER A 352 -11.78 -8.98 27.59
N PRO A 353 -11.69 -9.31 26.29
CA PRO A 353 -12.88 -9.45 25.47
C PRO A 353 -13.98 -10.35 26.06
N THR A 354 -13.63 -11.33 26.90
CA THR A 354 -14.62 -12.17 27.56
C THR A 354 -15.36 -11.45 28.70
N SER A 355 -14.82 -10.34 29.18
CA SER A 355 -15.51 -9.64 30.25
C SER A 355 -16.37 -8.55 29.64
N ALA A 356 -15.85 -7.94 28.58
CA ALA A 356 -16.52 -6.90 27.80
C ALA A 356 -16.79 -7.31 26.31
N PRO A 357 -17.74 -8.25 26.08
CA PRO A 357 -17.90 -8.70 24.69
C PRO A 357 -18.57 -7.65 23.81
N GLY A 358 -18.09 -7.54 22.56
CA GLY A 358 -18.72 -6.70 21.56
C GLY A 358 -18.05 -5.37 21.23
N LEU A 359 -17.04 -4.98 22.02
CA LEU A 359 -16.39 -3.68 21.80
C LEU A 359 -15.90 -3.44 20.37
N SER A 360 -15.59 -4.50 19.64
CA SER A 360 -14.99 -4.36 18.31
C SER A 360 -15.98 -4.66 17.19
N ASP A 361 -17.22 -4.94 17.58
CA ASP A 361 -18.28 -5.06 16.59
C ASP A 361 -19.19 -3.81 16.50
N CYS A 362 -18.66 -2.68 16.99
CA CYS A 362 -19.29 -1.36 16.85
C CYS A 362 -18.26 -0.26 17.03
N TYR A 363 -18.68 0.94 16.67
CA TYR A 363 -17.77 2.07 16.65
C TYR A 363 -18.50 3.34 17.06
N GLY A 364 -17.83 4.49 16.85
CA GLY A 364 -18.25 5.80 17.32
C GLY A 364 -19.07 5.82 18.60
N ASP A 365 -20.29 6.33 18.46
CA ASP A 365 -21.23 6.55 19.55
C ASP A 365 -21.72 5.27 20.19
N GLU A 366 -22.20 4.34 19.40
CA GLU A 366 -22.72 3.11 19.95
C GLU A 366 -21.65 2.46 20.83
N PHE A 367 -20.40 2.60 20.38
CA PHE A 367 -19.23 2.10 21.14
C PHE A 367 -18.98 2.76 22.50
N GLU A 368 -19.08 4.09 22.54
CA GLU A 368 -18.82 4.81 23.77
C GLU A 368 -19.92 4.52 24.73
N ALA A 369 -21.14 4.44 24.21
CA ALA A 369 -22.28 4.06 25.03
C ALA A 369 -21.99 2.71 25.73
N LEU A 370 -21.46 1.75 24.97
CA LEU A 370 -21.22 0.39 25.46
C LEU A 370 -19.94 0.22 26.29
N TYR A 371 -18.82 0.73 25.77
CA TYR A 371 -17.61 0.90 26.52
C TYR A 371 -17.85 1.57 27.88
N THR A 372 -18.54 2.71 27.88
CA THR A 372 -18.81 3.48 29.09
C THR A 372 -19.56 2.64 30.12
N ARG A 373 -20.50 1.80 29.68
CA ARG A 373 -21.30 1.03 30.59
C ARG A 373 -20.51 -0.10 31.22
N TYR A 374 -19.86 -0.90 30.37
CA TYR A 374 -18.94 -1.95 30.80
C TYR A 374 -18.04 -1.41 31.92
N GLU A 375 -17.45 -0.23 31.64
CA GLU A 375 -16.63 0.54 32.55
C GLU A 375 -17.28 0.64 33.95
N LYS A 376 -18.27 1.51 34.07
CA LYS A 376 -19.07 1.68 35.29
C LYS A 376 -19.44 0.39 35.99
N GLU A 377 -19.68 -0.67 35.20
CA GLU A 377 -20.03 -1.99 35.74
C GLU A 377 -18.85 -2.73 36.42
N GLY A 378 -17.68 -2.12 36.39
CA GLY A 378 -16.53 -2.59 37.17
C GLY A 378 -15.77 -3.68 36.47
N ARG A 379 -15.98 -3.75 35.16
CA ARG A 379 -15.61 -4.94 34.39
C ARG A 379 -14.15 -5.05 34.02
N GLY A 380 -13.45 -3.93 34.03
CA GLY A 380 -12.04 -3.91 33.71
C GLY A 380 -11.15 -3.32 34.77
N LYS A 381 -9.96 -2.91 34.35
CA LYS A 381 -8.97 -2.31 35.22
C LYS A 381 -8.68 -0.94 34.65
N THR A 382 -8.98 0.10 35.43
CA THR A 382 -8.76 1.47 34.96
C THR A 382 -7.37 1.96 35.30
N ILE A 383 -6.76 2.69 34.39
CA ILE A 383 -5.57 3.44 34.75
C ILE A 383 -5.70 4.83 34.14
N LYS A 384 -4.65 5.64 34.21
CA LYS A 384 -4.66 6.96 33.54
C LYS A 384 -4.61 6.82 32.04
N ALA A 385 -5.62 7.31 31.33
CA ALA A 385 -5.52 7.33 29.87
C ALA A 385 -4.09 7.64 29.47
N GLN A 386 -3.45 8.55 30.20
CA GLN A 386 -2.14 9.05 29.82
C GLN A 386 -0.97 8.10 30.05
N LYS A 387 -1.15 7.18 30.99
CA LYS A 387 -0.18 6.12 31.22
C LYS A 387 0.08 5.30 29.94
N LEU A 388 -0.98 4.75 29.36
CA LEU A 388 -0.93 4.03 28.09
C LEU A 388 -0.40 4.89 26.95
N TRP A 389 -0.79 6.15 26.89
CA TRP A 389 -0.34 7.02 25.82
C TRP A 389 1.18 7.15 25.88
N TYR A 390 1.71 7.51 27.04
CA TYR A 390 3.17 7.56 27.23
C TYR A 390 3.85 6.26 26.82
N SER A 391 3.32 5.13 27.29
CA SER A 391 3.78 3.83 26.82
C SER A 391 3.91 3.79 25.30
N ILE A 392 2.88 4.26 24.60
CA ILE A 392 2.76 4.20 23.15
C ILE A 392 3.83 5.04 22.46
N LEU A 393 3.82 6.33 22.71
CA LEU A 393 4.87 7.21 22.18
C LEU A 393 6.28 6.68 22.50
N GLU A 394 6.45 6.03 23.64
CA GLU A 394 7.75 5.53 24.03
C GLU A 394 8.15 4.45 23.03
N ALA A 395 7.21 3.60 22.67
CA ALA A 395 7.48 2.49 21.77
C ALA A 395 7.71 2.99 20.35
N GLN A 396 6.95 4.00 19.94
CA GLN A 396 7.04 4.49 18.57
C GLN A 396 8.39 5.16 18.36
N THR A 397 8.84 5.94 19.35
CA THR A 397 10.14 6.59 19.32
C THR A 397 11.27 5.60 19.13
N GLU A 398 11.20 4.47 19.83
CA GLU A 398 12.29 3.50 19.86
C GLU A 398 12.24 2.52 18.69
N THR A 399 11.05 2.06 18.31
CA THR A 399 10.89 1.05 17.23
C THR A 399 10.34 1.58 15.89
N GLY A 400 9.70 2.75 15.92
CA GLY A 400 9.01 3.30 14.74
C GLY A 400 7.65 2.64 14.53
N THR A 401 7.12 2.07 15.61
CA THR A 401 5.92 1.23 15.62
C THR A 401 5.39 1.29 17.06
N PRO A 402 4.10 0.99 17.30
CA PRO A 402 3.05 0.52 16.41
C PRO A 402 2.52 1.60 15.49
N PHE A 403 1.85 1.17 14.44
CA PHE A 403 1.17 2.09 13.57
C PHE A 403 -0.11 2.56 14.24
N VAL A 404 -0.64 3.67 13.76
CA VAL A 404 -1.89 4.15 14.27
C VAL A 404 -2.90 4.33 13.14
N VAL A 405 -3.94 3.49 13.19
CA VAL A 405 -5.06 3.66 12.28
C VAL A 405 -6.27 4.02 13.12
N TYR A 406 -7.00 5.05 12.71
CA TYR A 406 -8.18 5.50 13.48
C TYR A 406 -9.45 4.73 13.11
N LYS A 407 -9.88 3.87 14.05
CA LYS A 407 -11.01 2.96 13.87
C LYS A 407 -12.28 3.67 13.36
N ASP A 408 -12.68 4.74 14.04
CA ASP A 408 -13.95 5.40 13.75
C ASP A 408 -13.90 6.09 12.40
N ALA A 409 -12.80 6.81 12.19
CA ALA A 409 -12.54 7.53 10.97
C ALA A 409 -12.75 6.57 9.81
N CYS A 410 -12.28 5.32 10.01
CA CYS A 410 -12.31 4.28 8.98
C CYS A 410 -13.70 3.81 8.67
N ASN A 411 -14.45 3.54 9.73
CA ASN A 411 -15.79 3.00 9.63
C ASN A 411 -16.82 4.04 9.26
N ARG A 412 -16.65 5.27 9.77
CA ARG A 412 -17.51 6.36 9.38
C ARG A 412 -17.48 6.56 7.87
N LYS A 413 -16.28 6.57 7.30
CA LYS A 413 -16.13 6.94 5.90
C LYS A 413 -15.75 5.80 4.92
N SER A 414 -16.17 4.58 5.21
CA SER A 414 -15.96 3.47 4.29
C SER A 414 -17.20 3.17 3.45
N ASN A 415 -17.05 3.06 2.12
CA ASN A 415 -18.09 2.47 1.29
C ASN A 415 -18.54 1.03 1.65
N GLN A 416 -17.77 0.30 2.45
CA GLN A 416 -18.16 -1.05 2.81
C GLN A 416 -18.92 -1.15 4.11
N LYS A 417 -19.39 -0.03 4.65
CA LYS A 417 -20.04 -0.10 5.95
C LYS A 417 -21.30 -0.99 6.01
N ASN A 418 -22.05 -1.10 4.93
CA ASN A 418 -23.17 -2.06 4.91
C ASN A 418 -22.74 -3.51 5.17
N LEU A 419 -21.44 -3.80 5.11
CA LEU A 419 -20.98 -5.17 5.35
C LEU A 419 -20.87 -5.58 6.83
N GLY A 420 -20.90 -4.63 7.76
CA GLY A 420 -20.48 -4.94 9.14
C GLY A 420 -19.26 -4.11 9.52
N VAL A 421 -18.75 -4.25 10.73
CA VAL A 421 -17.68 -3.35 11.18
C VAL A 421 -16.31 -3.85 10.80
N ILE A 422 -15.61 -3.02 10.03
CA ILE A 422 -14.22 -3.22 9.62
C ILE A 422 -13.34 -3.25 10.84
N LYS A 423 -12.46 -4.26 10.94
CA LYS A 423 -11.76 -4.50 12.21
C LYS A 423 -10.26 -4.29 12.22
N SER A 424 -9.70 -3.82 11.11
CA SER A 424 -8.25 -3.72 10.97
C SER A 424 -7.86 -3.09 9.66
N SER A 425 -6.58 -2.75 9.54
CA SER A 425 -6.04 -2.41 8.24
C SER A 425 -5.05 -3.51 7.76
N ASN A 426 -4.34 -3.27 6.67
CA ASN A 426 -3.37 -4.24 6.20
C ASN A 426 -1.97 -4.05 6.81
N LEU A 427 -0.95 -4.50 6.09
CA LEU A 427 0.43 -4.49 6.56
C LEU A 427 1.06 -3.11 6.35
N CYS A 428 0.63 -2.41 5.31
CA CYS A 428 1.16 -1.08 5.05
C CYS A 428 0.19 0.01 5.37
N CYS A 429 -0.92 -0.34 6.04
CA CYS A 429 -1.88 0.67 6.49
C CYS A 429 -2.62 1.45 5.41
N GLU A 430 -2.70 0.92 4.20
CA GLU A 430 -3.44 1.65 3.18
C GLU A 430 -4.82 1.03 2.95
N ILE A 431 -4.97 -0.27 3.21
CA ILE A 431 -6.25 -0.96 2.95
C ILE A 431 -7.13 -0.87 4.15
N VAL A 432 -8.39 -0.51 3.92
CA VAL A 432 -9.45 -0.64 4.93
C VAL A 432 -10.66 -1.37 4.31
N GLU A 433 -10.79 -2.67 4.63
CA GLU A 433 -11.77 -3.55 3.99
C GLU A 433 -12.34 -4.50 5.01
N TYR A 434 -13.61 -4.88 4.82
CA TYR A 434 -14.32 -5.74 5.79
C TYR A 434 -13.72 -7.14 5.85
N SER A 435 -13.48 -7.62 7.07
CA SER A 435 -12.97 -8.98 7.22
C SER A 435 -13.74 -9.66 8.33
N ALA A 436 -13.72 -10.99 8.31
CA ALA A 436 -14.54 -11.85 9.17
C ALA A 436 -14.01 -13.30 9.12
N PRO A 437 -14.44 -14.15 10.08
CA PRO A 437 -13.86 -15.49 10.14
C PRO A 437 -13.83 -16.22 8.77
N ASP A 438 -14.87 -16.04 7.96
CA ASP A 438 -14.98 -16.74 6.72
C ASP A 438 -14.82 -15.77 5.55
N GLU A 439 -14.41 -14.53 5.82
CA GLU A 439 -14.15 -13.63 4.70
C GLU A 439 -12.82 -12.95 4.84
N THR A 440 -11.87 -13.27 3.98
CA THR A 440 -10.56 -12.64 4.07
C THR A 440 -10.42 -11.53 3.05
N ALA A 441 -10.23 -10.30 3.54
CA ALA A 441 -10.22 -9.14 2.66
C ALA A 441 -8.95 -9.19 1.82
N VAL A 442 -9.12 -8.94 0.52
CA VAL A 442 -8.04 -9.05 -0.47
C VAL A 442 -7.92 -7.70 -1.14
N CYS A 443 -6.70 -7.29 -1.44
CA CYS A 443 -6.60 -6.21 -2.39
C CYS A 443 -5.43 -6.19 -3.38
N ASN A 444 -5.72 -5.65 -4.55
CA ASN A 444 -4.84 -5.70 -5.69
C ASN A 444 -4.49 -4.30 -6.09
N LEU A 445 -3.20 -4.04 -6.22
CA LEU A 445 -2.70 -2.68 -6.38
C LEU A 445 -2.06 -2.46 -7.74
N ALA A 446 -2.07 -1.18 -8.15
CA ALA A 446 -1.26 -0.64 -9.26
C ALA A 446 -0.97 0.81 -8.90
N SER A 447 -0.06 1.44 -9.62
CA SER A 447 0.36 2.80 -9.33
C SER A 447 0.66 3.54 -10.60
N VAL A 448 0.09 4.74 -10.65
CA VAL A 448 0.15 5.59 -11.80
C VAL A 448 1.38 6.44 -11.63
N ALA A 449 2.08 6.66 -12.73
CA ALA A 449 3.32 7.44 -12.74
C ALA A 449 3.06 8.92 -13.00
N LEU A 450 2.88 9.65 -11.90
CA LEU A 450 2.52 11.05 -11.99
C LEU A 450 3.39 11.91 -12.94
N PRO A 451 4.71 11.69 -12.98
CA PRO A 451 5.53 12.57 -13.84
C PRO A 451 5.23 12.42 -15.32
N ALA A 452 4.93 11.21 -15.77
CA ALA A 452 4.73 10.94 -17.19
C ALA A 452 3.64 11.76 -17.91
N PHE A 453 2.90 12.57 -17.17
CA PHE A 453 1.83 13.38 -17.77
C PHE A 453 2.18 14.86 -17.88
N ILE A 454 3.38 15.22 -17.42
CA ILE A 454 3.93 16.56 -17.59
C ILE A 454 4.27 16.72 -19.06
N GLU A 455 4.03 17.92 -19.61
CA GLU A 455 4.39 18.26 -21.00
C GLU A 455 4.77 19.72 -21.12
N THR A 456 5.77 20.01 -21.96
CA THR A 456 6.10 21.39 -22.35
C THR A 456 4.86 22.01 -23.00
N SER A 457 4.38 23.13 -22.41
CA SER A 457 3.13 23.86 -22.76
C SER A 457 2.78 24.01 -24.27
N GLU A 458 2.10 25.10 -24.64
CA GLU A 458 1.79 25.34 -26.06
C GLU A 458 2.53 26.59 -26.62
N ASP A 459 3.82 26.63 -26.33
CA ASP A 459 4.66 27.77 -26.62
C ASP A 459 5.95 27.62 -25.82
N GLY A 460 6.44 26.40 -25.71
CA GLY A 460 7.69 26.12 -25.04
C GLY A 460 7.91 26.96 -23.80
N LYS A 461 9.14 26.90 -23.30
CA LYS A 461 9.58 27.73 -22.18
C LYS A 461 8.60 27.69 -21.05
N THR A 462 8.11 26.51 -20.72
CA THR A 462 7.09 26.41 -19.71
C THR A 462 6.38 25.11 -19.83
N SER A 463 5.98 24.59 -18.70
CA SER A 463 5.51 23.21 -18.60
C SER A 463 4.05 23.17 -18.12
N THR A 464 3.39 22.00 -18.25
CA THR A 464 2.01 21.81 -17.76
C THR A 464 1.68 20.36 -17.51
N TYR A 465 0.62 20.15 -16.74
CA TYR A 465 0.16 18.82 -16.41
C TYR A 465 -1.09 18.41 -17.17
N ASN A 466 -1.00 17.28 -17.86
CA ASN A 466 -2.14 16.76 -18.61
C ASN A 466 -3.14 15.91 -17.80
N PHE A 467 -4.06 16.56 -17.10
CA PHE A 467 -5.09 15.86 -16.33
C PHE A 467 -6.02 15.02 -17.22
N LYS A 468 -6.10 15.37 -18.50
CA LYS A 468 -6.98 14.66 -19.46
C LYS A 468 -6.45 13.25 -19.74
N LYS A 469 -5.16 13.15 -20.06
CA LYS A 469 -4.53 11.83 -20.16
C LYS A 469 -4.55 11.05 -18.84
N LEU A 470 -4.25 11.70 -17.73
CA LEU A 470 -4.19 11.04 -16.45
C LEU A 470 -5.49 10.33 -16.21
N HIS A 471 -6.58 11.06 -16.43
CA HIS A 471 -7.91 10.51 -16.31
C HIS A 471 -8.02 9.27 -17.22
N GLU A 472 -7.77 9.46 -18.52
CA GLU A 472 -7.74 8.37 -19.50
C GLU A 472 -6.94 7.16 -18.99
N ILE A 473 -5.76 7.41 -18.44
CA ILE A 473 -4.92 6.33 -17.98
C ILE A 473 -5.56 5.60 -16.79
N ALA A 474 -6.05 6.36 -15.79
CA ALA A 474 -6.56 5.70 -14.58
C ALA A 474 -7.72 4.77 -14.91
N LYS A 475 -8.43 5.11 -15.99
CA LYS A 475 -9.47 4.23 -16.53
C LYS A 475 -8.94 2.86 -16.93
N VAL A 476 -7.81 2.82 -17.62
CA VAL A 476 -7.26 1.54 -18.05
C VAL A 476 -6.85 0.68 -16.85
N VAL A 477 -6.08 1.27 -15.93
CA VAL A 477 -5.59 0.58 -14.74
C VAL A 477 -6.79 0.10 -13.93
N THR A 478 -7.83 0.93 -13.86
CA THR A 478 -9.05 0.50 -13.22
C THR A 478 -9.61 -0.78 -13.87
N ARG A 479 -9.67 -0.83 -15.21
CA ARG A 479 -10.20 -2.01 -15.90
C ARG A 479 -9.28 -3.18 -15.66
N ASN A 480 -7.98 -2.91 -15.70
CA ASN A 480 -6.96 -3.93 -15.50
C ASN A 480 -7.15 -4.60 -14.17
N LEU A 481 -7.14 -3.78 -13.12
CA LEU A 481 -7.34 -4.29 -11.76
C LEU A 481 -8.59 -5.18 -11.59
N ASN A 482 -9.67 -4.90 -12.32
CA ASN A 482 -10.79 -5.84 -12.42
C ASN A 482 -10.52 -7.25 -12.97
N ARG A 483 -9.84 -7.33 -14.13
CA ARG A 483 -9.58 -8.65 -14.74
C ARG A 483 -8.78 -9.52 -13.79
N VAL A 484 -7.79 -8.90 -13.15
CA VAL A 484 -7.00 -9.50 -12.10
C VAL A 484 -7.89 -10.12 -11.03
N ILE A 485 -8.99 -9.46 -10.70
CA ILE A 485 -9.89 -10.03 -9.71
C ILE A 485 -10.41 -11.36 -10.24
N ASP A 486 -10.73 -11.42 -11.52
CA ASP A 486 -11.33 -12.62 -12.07
C ASP A 486 -10.32 -13.72 -12.39
N ARG A 487 -9.13 -13.32 -12.80
CA ARG A 487 -8.10 -14.24 -13.20
C ARG A 487 -7.09 -14.52 -12.08
N ASN A 488 -7.43 -14.12 -10.87
CA ASN A 488 -6.49 -14.32 -9.76
C ASN A 488 -6.67 -15.72 -9.17
N TYR A 489 -5.56 -16.32 -8.74
CA TYR A 489 -5.61 -17.62 -8.10
C TYR A 489 -5.65 -17.45 -6.56
N TYR A 490 -6.68 -17.96 -5.89
CA TYR A 490 -6.87 -17.64 -4.46
C TYR A 490 -6.38 -18.73 -3.51
N PRO A 491 -5.32 -18.40 -2.70
CA PRO A 491 -4.66 -19.26 -1.69
C PRO A 491 -5.59 -19.96 -0.70
N VAL A 492 -6.66 -19.25 -0.30
CA VAL A 492 -7.62 -19.74 0.71
C VAL A 492 -9.05 -19.37 0.30
N GLU A 493 -10.01 -20.24 0.60
CA GLU A 493 -11.38 -20.07 0.12
C GLU A 493 -11.99 -18.77 0.64
N GLU A 494 -11.70 -18.42 1.89
CA GLU A 494 -12.12 -17.16 2.47
C GLU A 494 -11.85 -15.98 1.54
N ALA A 495 -10.72 -16.01 0.82
CA ALA A 495 -10.36 -14.85 0.06
C ALA A 495 -11.09 -14.76 -1.30
N ARG A 496 -11.42 -15.93 -1.86
CA ARG A 496 -12.19 -15.99 -3.12
C ARG A 496 -13.62 -15.52 -2.78
N LYS A 497 -14.19 -16.01 -1.67
CA LYS A 497 -15.51 -15.58 -1.24
C LYS A 497 -15.55 -14.07 -1.03
N SER A 498 -14.56 -13.55 -0.31
CA SER A 498 -14.47 -12.14 -0.04
C SER A 498 -14.39 -11.36 -1.36
N ASN A 499 -13.41 -11.70 -2.20
CA ASN A 499 -13.11 -10.84 -3.33
C ASN A 499 -14.17 -10.83 -4.40
N MET A 500 -14.72 -12.00 -4.70
CA MET A 500 -15.83 -12.12 -5.64
C MET A 500 -17.09 -11.38 -5.16
N ARG A 501 -17.30 -11.23 -3.85
CA ARG A 501 -18.50 -10.52 -3.44
C ARG A 501 -18.37 -8.98 -3.55
N HIS A 502 -17.31 -8.42 -2.95
CA HIS A 502 -17.16 -6.98 -2.80
C HIS A 502 -16.26 -6.29 -3.83
N ARG A 503 -15.33 -7.04 -4.42
CA ARG A 503 -14.44 -6.56 -5.50
C ARG A 503 -13.62 -5.27 -5.23
N PRO A 504 -12.98 -5.17 -4.06
CA PRO A 504 -12.17 -3.98 -3.84
C PRO A 504 -10.94 -3.92 -4.74
N ILE A 505 -10.65 -2.75 -5.26
CA ILE A 505 -9.51 -2.53 -6.10
C ILE A 505 -8.65 -1.44 -5.41
N ALA A 506 -7.34 -1.41 -5.63
CA ALA A 506 -6.54 -0.35 -5.01
C ALA A 506 -5.52 0.45 -5.88
N LEU A 507 -5.95 1.55 -6.51
CA LEU A 507 -4.98 2.43 -7.21
C LEU A 507 -4.20 3.38 -6.28
N GLY A 508 -3.04 3.79 -6.76
CA GLY A 508 -2.20 4.76 -6.08
C GLY A 508 -1.32 5.48 -7.09
N VAL A 509 -0.23 6.04 -6.59
CA VAL A 509 0.56 6.96 -7.39
C VAL A 509 2.03 6.74 -7.11
N GLN A 510 2.88 7.21 -8.00
CA GLN A 510 4.25 7.48 -7.65
C GLN A 510 4.76 8.72 -8.38
N GLY A 511 5.93 9.19 -7.97
CA GLY A 511 6.60 10.31 -8.65
C GLY A 511 5.97 11.64 -8.28
N LEU A 512 5.29 11.66 -7.13
CA LEU A 512 4.68 12.87 -6.62
C LEU A 512 5.75 13.96 -6.36
N ALA A 513 6.75 13.61 -5.55
CA ALA A 513 7.86 14.52 -5.32
C ALA A 513 8.60 14.86 -6.63
N ASP A 514 8.66 13.94 -7.60
CA ASP A 514 9.26 14.21 -8.91
C ASP A 514 8.46 15.24 -9.73
N THR A 515 7.15 14.99 -9.83
CA THR A 515 6.18 15.90 -10.43
C THR A 515 6.30 17.32 -9.91
N PHE A 516 6.33 17.47 -8.59
CA PHE A 516 6.47 18.78 -7.99
C PHE A 516 7.79 19.37 -8.47
N MET A 517 8.85 18.58 -8.36
CA MET A 517 10.16 19.05 -8.79
C MET A 517 10.18 19.49 -10.24
N LEU A 518 9.83 18.60 -11.16
CA LEU A 518 9.79 18.95 -12.57
C LEU A 518 9.10 20.29 -12.77
N LEU A 519 8.03 20.53 -12.02
CA LEU A 519 7.20 21.71 -12.23
C LEU A 519 7.68 23.00 -11.55
N ARG A 520 8.77 22.87 -10.78
CA ARG A 520 9.46 23.99 -10.11
C ARG A 520 8.55 24.55 -9.02
N LEU A 521 7.78 23.61 -8.45
CA LEU A 521 6.84 23.84 -7.38
C LEU A 521 7.33 23.08 -6.16
N PRO A 522 7.84 23.82 -5.16
CA PRO A 522 8.22 23.19 -3.88
C PRO A 522 7.08 22.38 -3.25
N PHE A 523 7.40 21.29 -2.58
CA PHE A 523 6.40 20.39 -1.96
C PHE A 523 5.40 21.08 -1.02
N ASP A 524 5.83 22.19 -0.43
CA ASP A 524 5.05 22.92 0.57
C ASP A 524 4.45 24.24 0.03
N SER A 525 4.46 24.42 -1.29
CA SER A 525 3.85 25.61 -1.90
C SER A 525 2.32 25.54 -1.96
N GLU A 526 1.73 26.64 -2.39
CA GLU A 526 0.30 26.70 -2.62
C GLU A 526 -0.05 26.05 -3.99
N GLU A 527 0.81 26.21 -5.01
CA GLU A 527 0.61 25.51 -6.30
C GLU A 527 0.68 24.00 -6.14
N ALA A 528 1.62 23.51 -5.32
CA ALA A 528 1.80 22.08 -5.11
C ALA A 528 0.60 21.54 -4.35
N ARG A 529 0.21 22.26 -3.31
CA ARG A 529 -0.98 21.98 -2.54
C ARG A 529 -2.22 21.85 -3.43
N LEU A 530 -2.36 22.77 -4.37
CA LEU A 530 -3.41 22.73 -5.37
C LEU A 530 -3.25 21.51 -6.32
N LEU A 531 -2.06 21.32 -6.86
CA LEU A 531 -1.78 20.16 -7.72
C LEU A 531 -2.16 18.83 -7.03
N ASN A 532 -1.64 18.61 -5.82
CA ASN A 532 -1.97 17.41 -5.04
C ASN A 532 -3.48 17.13 -5.01
N ILE A 533 -4.27 18.19 -4.78
CA ILE A 533 -5.74 18.08 -4.77
C ILE A 533 -6.32 17.64 -6.11
N GLN A 534 -5.79 18.15 -7.20
CA GLN A 534 -6.46 17.93 -8.47
C GLN A 534 -6.04 16.64 -9.14
N ILE A 535 -4.78 16.27 -8.92
CA ILE A 535 -4.29 14.96 -9.34
C ILE A 535 -5.21 13.93 -8.74
N PHE A 536 -5.33 13.96 -7.41
CA PHE A 536 -6.11 12.92 -6.76
C PHE A 536 -7.57 12.99 -7.10
N GLU A 537 -8.05 14.18 -7.45
CA GLU A 537 -9.43 14.31 -7.92
C GLU A 537 -9.65 13.51 -9.20
N THR A 538 -8.91 13.85 -10.25
CA THR A 538 -9.11 13.16 -11.50
C THR A 538 -8.91 11.62 -11.36
N ILE A 539 -7.97 11.19 -10.54
CA ILE A 539 -7.72 9.75 -10.35
C ILE A 539 -8.96 9.03 -9.76
N TYR A 540 -9.61 9.65 -8.79
CA TYR A 540 -10.81 9.08 -8.18
C TYR A 540 -11.96 9.14 -9.18
N HIS A 541 -12.18 10.31 -9.76
CA HIS A 541 -13.29 10.51 -10.67
C HIS A 541 -13.22 9.49 -11.80
N ALA A 542 -12.02 9.27 -12.33
CA ALA A 542 -11.80 8.29 -13.39
C ALA A 542 -12.03 6.86 -12.89
N SER A 543 -11.41 6.51 -11.78
CA SER A 543 -11.55 5.17 -11.31
C SER A 543 -13.00 4.81 -10.92
N MET A 544 -13.86 5.83 -10.83
CA MET A 544 -15.25 5.59 -10.48
C MET A 544 -16.05 5.51 -11.76
N GLU A 545 -15.67 6.32 -12.72
CA GLU A 545 -16.32 6.37 -14.01
C GLU A 545 -16.16 5.01 -14.66
N ALA A 546 -14.97 4.45 -14.59
CA ALA A 546 -14.74 3.22 -15.29
C ALA A 546 -15.31 2.05 -14.47
N SER A 547 -15.32 2.15 -13.14
CA SER A 547 -15.96 1.09 -12.35
C SER A 547 -17.45 1.11 -12.67
N CYS A 548 -17.93 2.28 -13.06
CA CYS A 548 -19.32 2.47 -13.45
C CYS A 548 -19.65 1.79 -14.78
N GLU A 549 -18.87 2.08 -15.82
CA GLU A 549 -19.03 1.41 -17.12
C GLU A 549 -19.02 -0.14 -16.99
N LEU A 550 -18.24 -0.67 -16.05
CA LEU A 550 -18.12 -2.12 -15.88
C LEU A 550 -19.37 -2.76 -15.28
N ALA A 551 -19.95 -2.05 -14.32
CA ALA A 551 -21.25 -2.39 -13.73
C ALA A 551 -22.35 -2.31 -14.78
N GLN A 552 -22.16 -1.41 -15.74
CA GLN A 552 -23.01 -1.36 -16.92
C GLN A 552 -22.88 -2.64 -17.77
N LYS A 553 -21.67 -3.22 -17.82
CA LYS A 553 -21.45 -4.38 -18.66
C LYS A 553 -21.69 -5.66 -17.91
N ASP A 554 -21.22 -5.73 -16.67
CA ASP A 554 -21.21 -6.99 -15.92
C ASP A 554 -22.08 -7.00 -14.68
N GLY A 555 -22.83 -5.94 -14.42
CA GLY A 555 -23.62 -5.82 -13.18
C GLY A 555 -22.79 -5.20 -12.06
N PRO A 556 -23.43 -4.45 -11.16
CA PRO A 556 -22.78 -4.01 -9.91
C PRO A 556 -22.20 -5.18 -9.13
N TYR A 557 -21.26 -4.92 -8.24
CA TYR A 557 -20.82 -5.92 -7.26
C TYR A 557 -22.02 -6.38 -6.38
N GLU A 558 -22.02 -7.60 -5.84
CA GLU A 558 -23.27 -8.13 -5.25
C GLU A 558 -23.72 -7.40 -3.99
N THR A 559 -22.79 -6.72 -3.36
CA THR A 559 -23.04 -6.19 -2.05
C THR A 559 -23.30 -4.64 -2.13
N PHE A 560 -23.38 -4.15 -3.37
CA PHE A 560 -23.63 -2.75 -3.71
C PHE A 560 -24.92 -2.18 -3.16
N GLN A 561 -25.99 -2.97 -3.22
CA GLN A 561 -27.25 -2.53 -2.63
C GLN A 561 -27.09 -2.33 -1.12
N GLY A 562 -27.23 -1.06 -0.72
CA GLY A 562 -27.12 -0.67 0.67
C GLY A 562 -26.00 0.32 0.90
N SER A 563 -25.04 0.36 -0.01
CA SER A 563 -23.84 1.12 0.27
C SER A 563 -24.09 2.62 0.23
N PRO A 564 -23.25 3.40 0.95
CA PRO A 564 -23.19 4.83 0.76
C PRO A 564 -23.21 5.20 -0.72
N ALA A 565 -22.60 4.36 -1.55
CA ALA A 565 -22.48 4.66 -2.96
C ALA A 565 -23.80 4.55 -3.67
N SER A 566 -24.62 3.58 -3.26
CA SER A 566 -25.89 3.32 -3.93
C SER A 566 -26.88 4.47 -3.74
N GLN A 567 -26.74 5.16 -2.60
CA GLN A 567 -27.46 6.39 -2.27
C GLN A 567 -26.89 7.65 -2.97
N GLY A 568 -25.75 7.53 -3.62
CA GLY A 568 -25.11 8.69 -4.17
C GLY A 568 -24.16 9.39 -3.21
N ILE A 569 -23.88 8.80 -2.04
CA ILE A 569 -22.86 9.33 -1.13
C ILE A 569 -21.48 8.84 -1.54
N LEU A 570 -20.65 9.77 -2.05
CA LEU A 570 -19.27 9.46 -2.47
C LEU A 570 -18.26 9.81 -1.39
N GLN A 571 -16.98 9.57 -1.64
CA GLN A 571 -15.99 9.66 -0.57
C GLN A 571 -15.89 11.03 0.12
N PHE A 572 -15.97 12.10 -0.67
CA PHE A 572 -15.81 13.43 -0.09
C PHE A 572 -17.08 13.91 0.62
N ASP A 573 -18.22 13.46 0.12
CA ASP A 573 -19.46 13.68 0.80
C ASP A 573 -19.38 13.27 2.27
N MET A 574 -18.78 12.11 2.57
CA MET A 574 -18.79 11.66 3.95
C MET A 574 -17.62 12.18 4.76
N TRP A 575 -16.81 13.04 4.14
CA TRP A 575 -15.89 13.90 4.87
C TRP A 575 -16.55 15.27 5.01
N ASP A 576 -17.76 15.40 4.47
CA ASP A 576 -18.48 16.70 4.43
C ASP A 576 -17.83 17.84 3.61
N GLN A 577 -17.30 17.56 2.44
CA GLN A 577 -16.73 18.65 1.62
C GLN A 577 -17.32 18.64 0.24
N LYS A 578 -17.41 19.83 -0.36
CA LYS A 578 -17.67 19.91 -1.78
C LYS A 578 -16.40 19.39 -2.45
N PRO A 579 -16.53 18.74 -3.60
CA PRO A 579 -15.32 18.33 -4.32
C PRO A 579 -14.59 19.57 -4.83
N TYR A 580 -13.42 19.42 -5.44
CA TYR A 580 -12.74 20.61 -5.95
C TYR A 580 -13.44 21.11 -7.18
N GLY A 581 -13.84 20.21 -8.06
CA GLY A 581 -14.72 20.57 -9.15
C GLY A 581 -14.13 20.50 -10.55
N MET A 582 -12.88 20.09 -10.67
CA MET A 582 -12.26 19.96 -12.00
C MET A 582 -12.99 18.96 -12.94
N TRP A 583 -13.85 18.12 -12.35
CA TRP A 583 -14.57 17.09 -13.11
C TRP A 583 -16.04 17.07 -12.75
N ASP A 584 -16.90 16.82 -13.73
CA ASP A 584 -18.34 16.83 -13.55
C ASP A 584 -18.82 15.73 -12.56
N TRP A 585 -18.84 16.04 -11.25
CA TRP A 585 -19.23 15.04 -10.26
C TRP A 585 -20.72 14.79 -10.23
N ASP A 586 -21.50 15.77 -10.66
CA ASP A 586 -22.96 15.62 -10.65
C ASP A 586 -23.39 14.47 -11.58
N THR A 587 -22.87 14.50 -12.81
CA THR A 587 -23.16 13.47 -13.83
C THR A 587 -22.74 12.07 -13.41
N LEU A 588 -21.52 11.94 -12.90
CA LEU A 588 -21.02 10.64 -12.43
C LEU A 588 -21.93 9.97 -11.39
N ARG A 589 -22.22 10.69 -10.31
CA ARG A 589 -23.12 10.28 -9.23
C ARG A 589 -24.50 9.85 -9.77
N LYS A 590 -24.95 10.52 -10.83
CA LYS A 590 -26.21 10.18 -11.49
C LYS A 590 -26.16 8.76 -12.04
N ASP A 591 -25.10 8.47 -12.79
CA ASP A 591 -24.82 7.13 -13.32
C ASP A 591 -24.59 6.00 -12.29
N ILE A 592 -23.84 6.32 -11.24
CA ILE A 592 -23.54 5.40 -10.17
C ILE A 592 -24.85 4.99 -9.49
N MET A 593 -25.61 5.99 -9.05
CA MET A 593 -26.92 5.76 -8.49
C MET A 593 -27.75 4.88 -9.42
N LYS A 594 -27.63 5.14 -10.72
CA LYS A 594 -28.44 4.51 -11.74
C LYS A 594 -28.03 3.06 -11.92
N HIS A 595 -26.78 2.83 -12.32
CA HIS A 595 -26.30 1.52 -12.79
C HIS A 595 -25.43 0.75 -11.81
N GLY A 596 -25.04 1.39 -10.71
CA GLY A 596 -24.05 0.80 -9.81
C GLY A 596 -22.62 1.05 -10.28
N VAL A 597 -21.68 0.67 -9.41
CA VAL A 597 -20.26 0.55 -9.79
C VAL A 597 -19.82 -0.89 -9.54
N ARG A 598 -18.75 -1.30 -10.23
CA ARG A 598 -18.27 -2.68 -10.18
C ARG A 598 -17.56 -3.02 -8.87
N ASN A 599 -16.88 -2.02 -8.32
CA ASN A 599 -16.04 -2.22 -7.16
C ASN A 599 -16.64 -1.59 -5.91
N SER A 600 -16.51 -2.30 -4.78
CA SER A 600 -16.85 -1.73 -3.51
C SER A 600 -15.93 -0.56 -3.16
N LEU A 601 -14.66 -0.65 -3.55
CA LEU A 601 -13.68 0.39 -3.28
C LEU A 601 -12.71 0.52 -4.45
N THR A 602 -11.97 1.62 -4.52
CA THR A 602 -11.05 1.81 -5.65
C THR A 602 -9.67 2.42 -5.34
N MET A 603 -9.60 3.43 -4.47
CA MET A 603 -8.34 4.19 -4.32
C MET A 603 -7.64 3.95 -2.98
N ALA A 604 -6.41 3.47 -3.00
CA ALA A 604 -5.67 3.30 -1.74
C ALA A 604 -4.16 3.43 -1.82
N PRO A 605 -3.62 4.65 -2.02
CA PRO A 605 -2.18 4.89 -2.30
C PRO A 605 -1.31 4.12 -1.34
N MET A 606 -0.32 3.42 -1.90
CA MET A 606 0.49 2.43 -1.17
C MET A 606 1.95 2.89 -1.09
N PRO A 607 2.77 2.23 -0.24
CA PRO A 607 4.23 2.43 -0.20
C PRO A 607 4.97 2.38 -1.56
N THR A 608 4.50 1.55 -2.49
CA THR A 608 5.12 1.41 -3.84
C THR A 608 6.65 1.20 -3.83
N ALA A 609 7.17 0.74 -2.70
CA ALA A 609 8.61 0.70 -2.47
C ALA A 609 9.33 0.06 -3.66
N SER A 610 8.96 -1.18 -3.95
CA SER A 610 9.62 -2.02 -4.96
C SER A 610 9.50 -1.50 -6.40
N THR A 611 8.32 -0.99 -6.75
CA THR A 611 8.00 -0.67 -8.14
C THR A 611 8.39 0.75 -8.56
N SER A 612 8.41 1.68 -7.61
CA SER A 612 8.92 3.05 -7.86
C SER A 612 10.44 3.05 -8.13
N GLN A 613 11.12 2.07 -7.54
CA GLN A 613 12.52 1.79 -7.80
C GLN A 613 12.73 1.50 -9.27
N ILE A 614 11.92 0.55 -9.78
CA ILE A 614 11.97 0.07 -11.17
C ILE A 614 11.68 1.17 -12.22
N LEU A 615 10.62 1.94 -12.01
CA LEU A 615 10.31 3.04 -12.93
C LEU A 615 11.24 4.24 -12.71
N GLY A 616 11.93 4.26 -11.56
CA GLY A 616 12.90 5.31 -11.22
C GLY A 616 12.39 6.58 -10.54
N TYR A 617 11.18 6.50 -9.97
CA TYR A 617 10.57 7.64 -9.31
C TYR A 617 10.72 7.55 -7.80
N ASN A 618 10.59 8.69 -7.11
CA ASN A 618 10.57 8.72 -5.64
C ASN A 618 9.27 8.08 -5.17
N GLU A 619 9.32 7.24 -4.16
CA GLU A 619 8.19 6.41 -3.94
C GLU A 619 7.11 7.23 -3.40
N CYS A 620 5.87 6.88 -3.72
CA CYS A 620 4.82 7.29 -2.88
C CYS A 620 4.47 8.69 -3.17
N PHE A 621 3.94 9.33 -2.15
CA PHE A 621 3.61 10.71 -2.17
C PHE A 621 4.52 11.38 -1.21
N GLU A 622 5.37 10.64 -0.53
CA GLU A 622 6.30 11.30 0.40
C GLU A 622 7.32 12.15 -0.39
N PRO A 623 7.82 13.25 0.21
CA PRO A 623 8.86 13.99 -0.52
C PRO A 623 10.18 13.26 -0.44
N VAL A 624 11.19 13.80 -1.11
CA VAL A 624 12.56 13.28 -0.99
C VAL A 624 13.07 13.25 0.48
N THR A 625 13.77 12.18 0.85
CA THR A 625 14.36 12.05 2.18
C THR A 625 15.75 12.65 2.10
N SER A 626 16.31 12.62 0.89
CA SER A 626 17.67 13.00 0.60
C SER A 626 17.76 13.38 -0.87
N ASN A 627 18.62 14.35 -1.17
CA ASN A 627 18.91 14.72 -2.55
C ASN A 627 20.07 13.90 -3.11
N MET A 628 20.74 13.16 -2.23
CA MET A 628 21.87 12.32 -2.61
C MET A 628 21.73 10.92 -1.99
N TYR A 629 21.47 9.92 -2.84
CA TYR A 629 21.35 8.53 -2.37
C TYR A 629 22.69 7.76 -2.49
N SER A 630 23.01 6.99 -1.44
CA SER A 630 24.27 6.20 -1.32
C SER A 630 25.53 7.08 -1.34
N PHE A 638 29.16 3.63 -4.88
CA PHE A 638 28.02 4.09 -5.67
C PHE A 638 27.18 5.19 -4.98
N GLN A 639 27.32 6.41 -5.47
CA GLN A 639 26.54 7.57 -5.00
C GLN A 639 25.79 8.30 -6.14
N VAL A 640 24.48 8.42 -6.00
CA VAL A 640 23.61 9.04 -7.01
C VAL A 640 22.89 10.28 -6.46
N VAL A 641 23.11 11.41 -7.11
CA VAL A 641 22.49 12.69 -6.74
C VAL A 641 21.18 12.95 -7.51
N ASN A 642 20.17 13.44 -6.80
CA ASN A 642 18.89 13.81 -7.37
C ASN A 642 19.12 14.42 -8.75
N PRO A 643 18.61 13.74 -9.79
CA PRO A 643 18.73 14.25 -11.15
C PRO A 643 18.26 15.70 -11.32
N TYR A 644 17.00 15.99 -11.00
CA TYR A 644 16.41 17.33 -11.25
C TYR A 644 17.19 18.48 -10.62
N LEU A 645 17.67 18.30 -9.38
CA LEU A 645 18.64 19.20 -8.78
C LEU A 645 19.96 19.20 -9.58
N LEU A 646 20.60 18.04 -9.72
CA LEU A 646 21.88 17.94 -10.43
C LEU A 646 21.99 18.85 -11.65
N ARG A 647 21.01 18.76 -12.55
CA ARG A 647 20.94 19.58 -13.75
C ARG A 647 20.88 21.09 -13.40
N ASP A 648 20.05 21.45 -12.41
CA ASP A 648 19.86 22.85 -12.00
C ASP A 648 21.17 23.50 -11.62
N LEU A 649 21.98 22.77 -10.86
CA LEU A 649 23.26 23.25 -10.37
C LEU A 649 24.24 23.60 -11.50
N VAL A 650 24.36 22.71 -12.47
CA VAL A 650 25.30 22.86 -13.59
C VAL A 650 24.86 23.99 -14.52
N ASP A 651 23.55 24.21 -14.65
CA ASP A 651 23.02 25.35 -15.39
C ASP A 651 23.36 26.67 -14.69
N LEU A 652 23.23 26.68 -13.37
CA LEU A 652 23.58 27.82 -12.52
C LEU A 652 25.09 27.97 -12.30
N GLY A 653 25.87 27.26 -13.13
CA GLY A 653 27.33 27.32 -13.11
C GLY A 653 28.04 27.19 -11.77
N ILE A 654 27.43 26.49 -10.82
CA ILE A 654 28.01 26.36 -9.45
C ILE A 654 28.35 24.92 -9.04
N TRP A 655 28.23 23.99 -9.98
CA TRP A 655 28.47 22.58 -9.69
C TRP A 655 29.95 22.23 -9.83
N ASP A 656 30.70 22.32 -8.74
CA ASP A 656 32.11 21.91 -8.75
C ASP A 656 32.33 20.64 -7.94
N GLU A 657 33.24 20.73 -6.97
CA GLU A 657 33.54 19.60 -6.10
C GLU A 657 33.12 19.91 -4.67
N GLY A 658 33.31 21.18 -4.28
CA GLY A 658 32.91 21.67 -2.97
C GLY A 658 31.45 21.40 -2.78
N MET A 659 30.70 21.56 -3.86
CA MET A 659 29.29 21.24 -3.90
C MET A 659 29.03 19.78 -3.66
N LYS A 660 29.74 18.89 -4.36
CA LYS A 660 29.56 17.46 -4.13
C LYS A 660 29.85 17.11 -2.66
N GLN A 661 30.89 17.72 -2.10
CA GLN A 661 31.34 17.40 -0.74
C GLN A 661 30.45 17.94 0.38
N TYR A 662 29.68 19.00 0.10
CA TYR A 662 28.67 19.43 1.07
C TYR A 662 27.32 18.75 0.84
N LEU A 663 27.34 17.52 0.35
CA LEU A 663 26.14 16.72 0.30
C LEU A 663 26.46 15.35 0.85
N ILE A 664 27.74 15.00 0.80
CA ILE A 664 28.19 13.66 1.14
C ILE A 664 27.91 13.31 2.60
N THR A 665 28.54 14.01 3.53
CA THR A 665 28.39 13.67 4.96
C THR A 665 27.15 14.37 5.58
N GLN A 666 26.75 15.48 4.96
CA GLN A 666 25.69 16.35 5.49
C GLN A 666 24.31 15.98 4.96
N ASN A 667 24.13 14.68 4.74
CA ASN A 667 22.84 14.04 4.52
C ASN A 667 22.12 14.33 3.22
N GLY A 668 22.72 15.18 2.37
CA GLY A 668 22.07 15.60 1.13
C GLY A 668 21.00 16.67 1.30
N SER A 669 21.25 17.62 2.20
CA SER A 669 20.38 18.80 2.36
C SER A 669 21.03 20.07 1.81
N ILE A 670 20.53 20.59 0.69
CA ILE A 670 21.10 21.80 0.10
C ILE A 670 20.82 23.10 0.87
N GLN A 671 20.17 23.00 2.01
CA GLN A 671 19.91 24.16 2.88
C GLN A 671 21.19 24.85 3.34
N GLY A 672 21.03 26.06 3.89
CA GLY A 672 22.15 26.83 4.44
C GLY A 672 23.51 26.46 3.87
N LEU A 673 23.68 26.69 2.57
CA LEU A 673 24.87 26.25 1.83
C LEU A 673 25.50 27.45 1.10
N PRO A 674 26.76 27.79 1.44
CA PRO A 674 27.49 28.94 0.90
C PRO A 674 26.91 29.71 -0.29
N ASN A 675 26.54 29.06 -1.41
CA ASN A 675 26.21 29.81 -2.65
C ASN A 675 25.18 29.18 -3.59
N VAL A 676 24.00 28.87 -3.07
CA VAL A 676 22.98 28.15 -3.83
C VAL A 676 21.66 28.90 -3.71
N PRO A 677 21.08 29.36 -4.84
CA PRO A 677 19.94 30.28 -4.90
C PRO A 677 18.75 29.82 -4.08
N GLN A 678 18.28 30.73 -3.24
CA GLN A 678 17.15 30.50 -2.35
C GLN A 678 15.94 29.76 -2.99
N GLU A 679 15.74 29.88 -4.30
CA GLU A 679 14.64 29.15 -4.96
C GLU A 679 14.90 27.64 -5.09
N LEU A 680 16.16 27.25 -5.30
CA LEU A 680 16.55 25.84 -5.30
C LEU A 680 16.40 25.25 -3.90
N LYS A 681 16.87 25.99 -2.91
CA LYS A 681 16.67 25.65 -1.51
C LYS A 681 15.20 25.37 -1.19
N ASP A 682 14.31 26.07 -1.87
CA ASP A 682 12.87 25.95 -1.61
C ASP A 682 12.32 24.73 -2.32
N LEU A 683 12.89 24.40 -3.48
CA LEU A 683 12.45 23.25 -4.27
C LEU A 683 12.99 21.88 -3.77
N TYR A 684 14.20 21.86 -3.22
CA TYR A 684 14.87 20.58 -2.91
C TYR A 684 14.94 20.21 -1.41
N LYS A 685 13.86 20.56 -0.71
CA LYS A 685 13.73 20.23 0.70
C LYS A 685 13.65 18.75 0.95
N THR A 686 14.44 18.32 1.91
CA THR A 686 14.36 17.01 2.57
C THR A 686 13.14 16.93 3.45
N VAL A 687 12.38 15.84 3.35
CA VAL A 687 11.20 15.60 4.21
C VAL A 687 11.34 15.95 5.74
N TRP A 688 12.57 16.09 6.23
CA TRP A 688 12.82 16.52 7.60
C TRP A 688 12.73 18.04 7.68
N GLU A 689 12.90 18.72 6.56
CA GLU A 689 12.79 20.16 6.51
C GLU A 689 11.40 20.62 6.13
N ILE A 690 10.54 19.68 5.77
CA ILE A 690 9.15 20.03 5.63
C ILE A 690 8.51 19.80 6.99
N SER A 691 7.80 20.79 7.48
CA SER A 691 7.16 20.64 8.77
C SER A 691 6.17 19.49 8.63
N GLN A 692 6.09 18.63 9.65
CA GLN A 692 5.12 17.56 9.59
C GLN A 692 3.67 18.09 9.64
N LYS A 693 3.51 19.39 9.92
CA LYS A 693 2.20 20.06 9.88
C LYS A 693 1.74 20.21 8.42
N THR A 694 2.69 20.46 7.52
CA THR A 694 2.38 20.60 6.11
C THR A 694 2.04 19.26 5.49
N ILE A 695 2.93 18.29 5.66
CA ILE A 695 2.68 16.90 5.31
C ILE A 695 1.27 16.44 5.72
N ILE A 696 0.92 16.58 7.01
CA ILE A 696 -0.40 16.15 7.45
C ILE A 696 -1.49 16.84 6.61
N ASN A 697 -1.36 18.15 6.38
CA ASN A 697 -2.38 18.94 5.66
C ASN A 697 -2.73 18.40 4.28
N MET A 698 -1.69 18.15 3.49
CA MET A 698 -1.82 17.55 2.18
C MET A 698 -2.40 16.15 2.28
N ALA A 699 -1.99 15.39 3.31
CA ALA A 699 -2.53 14.06 3.52
C ALA A 699 -4.03 14.15 3.78
N ALA A 700 -4.43 15.22 4.48
CA ALA A 700 -5.82 15.49 4.84
C ALA A 700 -6.57 15.96 3.63
N ASP A 701 -5.87 16.69 2.76
CA ASP A 701 -6.47 17.17 1.53
C ASP A 701 -6.80 16.10 0.49
N ARG A 702 -5.87 15.18 0.21
CA ARG A 702 -6.07 14.14 -0.82
C ARG A 702 -7.01 13.05 -0.33
N SER A 703 -7.07 12.91 0.99
CA SER A 703 -7.89 11.90 1.66
C SER A 703 -9.37 11.95 1.36
N VAL A 704 -9.87 13.11 0.97
CA VAL A 704 -11.27 13.26 0.57
C VAL A 704 -11.57 12.45 -0.72
N TYR A 705 -10.54 12.20 -1.53
CA TYR A 705 -10.71 11.42 -2.73
C TYR A 705 -10.07 10.01 -2.57
N ILE A 706 -9.70 9.62 -1.35
CA ILE A 706 -9.11 8.30 -1.14
C ILE A 706 -10.15 7.37 -0.49
N ASP A 707 -10.55 6.38 -1.28
CA ASP A 707 -11.66 5.49 -1.00
C ASP A 707 -11.42 4.64 0.20
N GLN A 708 -10.13 4.38 0.44
CA GLN A 708 -9.64 3.55 1.52
C GLN A 708 -8.92 4.49 2.47
N SER A 709 -7.71 4.13 2.91
CA SER A 709 -6.80 5.06 3.59
C SER A 709 -5.51 5.19 2.78
N HIS A 710 -4.51 5.88 3.35
CA HIS A 710 -3.16 5.81 2.80
C HIS A 710 -1.95 5.76 3.78
N SER A 711 -0.87 5.10 3.34
CA SER A 711 0.33 4.88 4.16
C SER A 711 1.04 6.20 4.37
N LEU A 712 0.77 6.80 5.54
CA LEU A 712 1.34 8.09 5.91
C LEU A 712 2.50 7.84 6.84
N ASN A 713 3.73 7.95 6.32
CA ASN A 713 4.93 7.90 7.14
C ASN A 713 5.20 9.24 7.74
N LEU A 714 5.79 9.24 8.93
CA LEU A 714 6.15 10.49 9.61
C LEU A 714 7.65 10.55 9.93
N PHE A 715 8.22 11.75 9.77
CA PHE A 715 9.66 11.96 9.95
C PHE A 715 9.91 13.18 10.86
N LEU A 716 10.52 12.94 12.02
CA LEU A 716 10.95 14.03 12.92
C LEU A 716 12.43 13.87 13.19
N ARG A 717 13.17 14.98 13.34
CA ARG A 717 14.60 14.90 13.66
C ARG A 717 14.87 14.85 15.17
N ALA A 718 14.34 15.87 15.86
CA ALA A 718 14.56 16.03 17.29
C ALA A 718 13.28 15.74 18.08
N PRO A 719 12.91 14.45 18.20
CA PRO A 719 11.57 14.11 18.68
C PRO A 719 11.40 14.12 20.20
N THR A 720 10.71 15.16 20.68
CA THR A 720 10.31 15.30 22.08
C THR A 720 8.98 14.57 22.21
N MET A 721 8.58 14.27 23.44
CA MET A 721 7.33 13.56 23.67
C MET A 721 6.13 14.32 23.10
N GLY A 722 6.08 15.62 23.40
CA GLY A 722 5.03 16.51 22.93
C GLY A 722 5.00 16.67 21.42
N LYS A 723 6.16 16.66 20.78
CA LYS A 723 6.22 16.81 19.32
C LYS A 723 5.42 15.69 18.62
N LEU A 724 5.73 14.44 18.92
CA LEU A 724 4.86 13.30 18.57
C LEU A 724 3.40 13.47 18.94
N THR A 725 3.13 13.91 20.17
CA THR A 725 1.74 14.08 20.66
C THR A 725 0.88 14.98 19.77
N SER A 726 1.48 16.00 19.14
CA SER A 726 0.70 16.91 18.30
C SER A 726 0.63 16.50 16.85
N MET A 727 1.47 15.56 16.45
CA MET A 727 1.35 14.95 15.12
C MET A 727 0.15 14.01 15.14
N HIS A 728 0.10 13.16 16.16
CA HIS A 728 -1.02 12.24 16.32
C HIS A 728 -2.36 13.01 16.43
N PHE A 729 -2.43 13.94 17.39
CA PHE A 729 -3.66 14.69 17.63
C PHE A 729 -4.09 15.56 16.46
N TYR A 730 -3.15 16.32 15.90
CA TYR A 730 -3.44 17.13 14.73
C TYR A 730 -4.17 16.30 13.65
N GLY A 731 -3.53 15.21 13.23
CA GLY A 731 -4.04 14.32 12.18
C GLY A 731 -5.38 13.68 12.50
N TRP A 732 -5.52 13.21 13.75
CA TRP A 732 -6.79 12.70 14.25
C TRP A 732 -7.89 13.75 14.09
N LYS A 733 -7.58 15.01 14.44
CA LYS A 733 -8.57 16.08 14.41
C LYS A 733 -8.79 16.48 12.96
N LYS A 734 -7.87 16.08 12.10
CA LYS A 734 -8.05 16.26 10.68
C LYS A 734 -8.96 15.21 10.08
N GLY A 735 -9.36 14.23 10.92
CA GLY A 735 -10.19 13.08 10.52
C GLY A 735 -9.52 12.04 9.64
N LEU A 736 -8.18 12.02 9.65
CA LEU A 736 -7.37 10.99 8.97
C LEU A 736 -7.71 9.58 9.43
N LYS A 737 -7.69 8.65 8.50
CA LYS A 737 -7.93 7.26 8.82
C LYS A 737 -6.64 6.60 9.35
N THR A 738 -5.59 6.66 8.54
CA THR A 738 -4.26 6.30 8.97
C THR A 738 -3.55 7.53 9.50
N GLY A 739 -3.29 7.55 10.81
CA GLY A 739 -2.60 8.67 11.45
C GLY A 739 -1.11 8.60 11.25
N MET A 740 -0.56 7.41 11.51
CA MET A 740 0.85 7.13 11.32
C MET A 740 1.05 5.69 10.87
N TYR A 741 1.84 5.51 9.81
CA TYR A 741 2.38 4.24 9.43
C TYR A 741 3.70 4.14 10.22
N TYR A 742 4.86 4.40 9.62
CA TYR A 742 6.11 4.34 10.39
C TYR A 742 6.45 5.66 11.09
N LEU A 743 7.48 5.63 11.92
CA LEU A 743 8.01 6.81 12.54
C LEU A 743 9.53 6.75 12.44
N ARG A 744 10.11 7.41 11.42
CA ARG A 744 11.57 7.40 11.18
C ARG A 744 12.16 8.57 11.94
N THR A 745 13.23 8.32 12.70
CA THR A 745 13.63 9.29 13.73
C THR A 745 15.09 9.77 13.62
N GLN A 746 15.51 10.60 14.58
CA GLN A 746 16.94 10.99 14.81
C GLN A 746 17.39 12.25 14.06
#